data_6I9A
#
_entry.id   6I9A
#
_cell.length_a   86.670
_cell.length_b   87.050
_cell.length_c   129.210
_cell.angle_alpha   90.00
_cell.angle_beta   90.00
_cell.angle_gamma   90.00
#
_symmetry.space_group_name_H-M   'P 21 21 21'
#
loop_
_entity.id
_entity.type
_entity.pdbx_description
1 polymer 'Lys-gingipain W83'
2 non-polymer 'UNKNOWN ATOM OR ION'
3 non-polymer 'SODIUM ION'
4 non-polymer 'CALCIUM ION'
5 non-polymer benzyl-N-[(2S)-1-[[(3S)-7-amino-1-(benzylamino)-1,2-dioxoheptan-3-yl]amino]-5-(2-methyl-2-phenylhydrazinyl)-1,5-dioxopentan-2-yl]carbamate
6 non-polymer '4-(2-HYDROXYETHYL)-1-PIPERAZINE ETHANESULFONIC ACID'
7 non-polymer GLYCEROL
8 non-polymer (2S,3S)-1,4-DIMERCAPTOBUTANE-2,3-DIOL
9 water water
#
_entity_poly.entity_id   1
_entity_poly.type   'polypeptide(L)'
_entity_poly.pdbx_seq_one_letter_code
;DVYTDHGDLYNTPVRMLVVAGAKFKEALKPWLTWKAQKGFYLDVHYTDEAEVGTTNASIKAFIHKKYNDGLAASAAPVFL
ALVGDTDVISGEKGKKTKKVTDLYYSAVDGDYFPEMYTFRMSASSPEELTNIIDKVLMYEKATMPDKSYLEKVLLIAGAD
YSWNSQVGQPTIKYGMQYYYNQEHGYTDVYNYLKAPYTGCYSHLNTGVSFANYTAHGSETAWADPLLTTSQLKALTNKDK
YFLAIGNCCITAQFDYVQPCFGEVITRVKEKGAYAYIGSSPNSYWGEDYYWSVGANAVFGVQPTFEGTSMGSYDATFLED
SYNTVNSIMWAGNLAATHAGNIGNITHIGAHYYWEAYHVLGDGSVMPYRAMPKTNTYTLPASLPQNQASYSIQASAGSYV
AISKDGVLYGTGVANASGVATVSMTKQITENGNYDVVITRSNYLPVIKQIQVGEPHHHHHH
;
_entity_poly.pdbx_strand_id   A,B
#
loop_
_chem_comp.id
_chem_comp.type
_chem_comp.name
_chem_comp.formula
CA non-polymer 'CALCIUM ION' 'Ca 2'
DTV non-polymer (2S,3S)-1,4-DIMERCAPTOBUTANE-2,3-DIOL 'C4 H10 O2 S2'
EPE non-polymer '4-(2-HYDROXYETHYL)-1-PIPERAZINE ETHANESULFONIC ACID' 'C8 H18 N2 O4 S'
GOL non-polymer GLYCEROL 'C3 H8 O3'
H8E non-polymer benzyl-N-[(2S)-1-[[(3S)-7-amino-1-(benzylamino)-1,2-dioxoheptan-3-yl]amino]-5-(2-methyl-2-phenylhydrazinyl)-1,5-dioxopentan-2-yl]carbamate 'C34 H42 N6 O6'
NA non-polymer 'SODIUM ION' 'Na 1'
UNX non-polymer 'UNKNOWN ATOM OR ION' ?
#
# COMPACT_ATOMS: atom_id res chain seq x y z
N ASP A 1 9.31 10.33 -10.33
CA ASP A 1 7.87 10.45 -10.59
C ASP A 1 7.37 11.77 -10.06
N VAL A 2 6.06 12.03 -10.11
CA VAL A 2 5.57 13.33 -9.71
C VAL A 2 5.84 13.61 -8.23
N TYR A 3 5.89 12.55 -7.41
CA TYR A 3 6.13 12.71 -5.98
C TYR A 3 7.54 13.18 -5.69
N THR A 4 8.55 12.69 -6.44
CA THR A 4 9.92 13.17 -6.22
C THR A 4 10.12 14.49 -6.95
N ASP A 5 9.42 14.74 -8.06
CA ASP A 5 9.52 16.01 -8.77
C ASP A 5 8.97 17.17 -7.99
N HIS A 6 7.84 16.95 -7.29
CA HIS A 6 7.09 18.01 -6.65
C HIS A 6 6.63 17.63 -5.30
N GLY A 7 7.58 17.43 -4.41
CA GLY A 7 7.24 17.06 -3.05
C GLY A 7 6.76 18.22 -2.19
N ASP A 8 6.53 17.89 -0.92
CA ASP A 8 6.05 18.85 0.08
C ASP A 8 6.91 20.13 0.03
N LEU A 9 6.26 21.27 -0.10
CA LEU A 9 6.93 22.58 -0.16
C LEU A 9 7.40 23.07 1.19
N TYR A 10 6.97 22.47 2.30
CA TYR A 10 7.40 22.96 3.60
C TYR A 10 8.91 22.99 3.68
N ASN A 11 9.46 24.07 4.26
CA ASN A 11 10.89 24.19 4.47
C ASN A 11 11.10 25.16 5.61
N THR A 12 12.32 25.17 6.16
CA THR A 12 12.66 26.08 7.24
C THR A 12 13.92 26.86 6.87
N PRO A 13 14.11 28.04 7.45
CA PRO A 13 13.11 28.81 8.21
C PRO A 13 11.83 29.04 7.40
N VAL A 14 10.70 28.95 8.07
CA VAL A 14 9.44 29.15 7.38
C VAL A 14 9.32 30.60 6.92
N ARG A 15 9.00 30.82 5.65
CA ARG A 15 8.77 32.16 5.09
C ARG A 15 7.38 32.25 4.53
N MET A 16 6.69 33.35 4.81
CA MET A 16 5.32 33.52 4.32
CA MET A 16 5.31 33.51 4.32
C MET A 16 5.13 34.92 3.75
N LEU A 17 4.64 34.99 2.51
CA LEU A 17 4.26 36.23 1.87
C LEU A 17 2.76 36.38 2.13
N VAL A 18 2.36 37.53 2.66
CA VAL A 18 0.96 37.83 2.93
C VAL A 18 0.52 38.96 2.04
N VAL A 19 -0.55 38.76 1.26
CA VAL A 19 -1.16 39.86 0.49
C VAL A 19 -2.59 40.00 0.93
N ALA A 20 -2.92 41.16 1.52
CA ALA A 20 -4.17 41.37 2.18
C ALA A 20 -4.89 42.59 1.70
N GLY A 21 -6.22 42.54 1.74
CA GLY A 21 -6.98 43.75 1.50
C GLY A 21 -6.64 44.74 2.59
N ALA A 22 -6.56 46.01 2.20
CA ALA A 22 -6.19 47.07 3.13
C ALA A 22 -7.11 47.18 4.35
N LYS A 23 -8.41 46.80 4.24
CA LYS A 23 -9.31 46.95 5.38
C LYS A 23 -9.01 46.00 6.53
N PHE A 24 -8.16 45.00 6.30
CA PHE A 24 -7.93 43.92 7.28
C PHE A 24 -6.71 44.15 8.17
N LYS A 25 -6.00 45.29 8.05
CA LYS A 25 -4.77 45.46 8.79
CA LYS A 25 -4.77 45.48 8.81
C LYS A 25 -4.93 45.26 10.31
N GLU A 26 -5.92 45.89 10.93
CA GLU A 26 -6.02 45.76 12.38
C GLU A 26 -6.43 44.36 12.81
N ALA A 27 -7.43 43.78 12.11
CA ALA A 27 -7.89 42.43 12.45
C ALA A 27 -6.80 41.37 12.25
N LEU A 28 -5.94 41.58 11.27
CA LEU A 28 -4.92 40.59 10.96
C LEU A 28 -3.80 40.56 12.00
N LYS A 29 -3.57 41.67 12.71
CA LYS A 29 -2.41 41.76 13.60
C LYS A 29 -2.23 40.57 14.58
N PRO A 30 -3.25 40.08 15.32
CA PRO A 30 -2.98 38.98 16.26
C PRO A 30 -2.53 37.71 15.57
N TRP A 31 -3.00 37.50 14.31
CA TRP A 31 -2.58 36.31 13.55
C TRP A 31 -1.12 36.49 13.12
N LEU A 32 -0.75 37.67 12.62
CA LEU A 32 0.66 37.91 12.26
C LEU A 32 1.58 37.82 13.46
N THR A 33 1.14 38.31 14.61
CA THR A 33 1.95 38.25 15.84
C THR A 33 2.28 36.80 16.16
N TRP A 34 1.24 35.93 16.18
CA TRP A 34 1.44 34.51 16.49
C TRP A 34 2.30 33.81 15.45
N LYS A 35 2.07 34.08 14.14
CA LYS A 35 2.89 33.42 13.13
C LYS A 35 4.37 33.80 13.29
N ALA A 36 4.65 35.09 13.64
CA ALA A 36 6.08 35.48 13.87
C ALA A 36 6.59 34.75 15.11
N GLN A 37 5.78 34.70 16.17
CA GLN A 37 6.21 34.04 17.40
C GLN A 37 6.55 32.57 17.20
N LYS A 38 5.80 31.88 16.33
CA LYS A 38 6.08 30.47 16.12
C LYS A 38 7.16 30.24 15.03
N GLY A 39 7.78 31.31 14.55
CA GLY A 39 8.94 31.17 13.69
C GLY A 39 8.74 31.41 12.22
N PHE A 40 7.64 32.11 11.82
CA PHE A 40 7.46 32.44 10.40
C PHE A 40 8.06 33.80 10.15
N TYR A 41 8.95 33.88 9.16
CA TYR A 41 9.44 35.18 8.63
C TYR A 41 8.38 35.69 7.69
N LEU A 42 7.71 36.76 8.07
CA LEU A 42 6.57 37.31 7.34
C LEU A 42 6.95 38.48 6.48
N ASP A 43 6.43 38.53 5.26
CA ASP A 43 6.59 39.68 4.37
C ASP A 43 5.16 40.08 4.06
N VAL A 44 4.67 41.14 4.70
CA VAL A 44 3.24 41.50 4.71
C VAL A 44 2.94 42.72 3.91
N HIS A 45 2.04 42.58 2.94
CA HIS A 45 1.71 43.66 2.02
C HIS A 45 0.20 43.78 1.85
N TYR A 46 -0.27 44.98 1.51
CA TYR A 46 -1.68 45.32 1.41
C TYR A 46 -1.99 45.94 0.09
N THR A 47 -3.25 45.84 -0.31
CA THR A 47 -3.71 46.35 -1.61
C THR A 47 -3.77 47.89 -1.67
N ASP A 48 -3.30 48.60 -0.63
CA ASP A 48 -3.21 50.06 -0.74
C ASP A 48 -1.78 50.48 -1.07
N GLU A 49 -0.87 49.51 -1.37
CA GLU A 49 0.52 49.82 -1.75
C GLU A 49 0.67 49.96 -3.26
N ALA A 50 1.58 50.86 -3.67
CA ALA A 50 1.89 51.08 -5.08
C ALA A 50 2.29 49.79 -5.79
N GLU A 51 3.21 49.04 -5.19
CA GLU A 51 3.79 47.89 -5.85
C GLU A 51 2.81 46.73 -5.95
N VAL A 52 1.77 46.69 -5.08
CA VAL A 52 0.78 45.61 -5.10
C VAL A 52 -0.34 45.95 -6.05
N GLY A 53 -0.83 47.17 -5.96
CA GLY A 53 -1.97 47.57 -6.77
C GLY A 53 -3.25 46.92 -6.30
N THR A 54 -4.28 46.99 -7.14
CA THR A 54 -5.61 46.52 -6.75
C THR A 54 -6.22 45.55 -7.76
N THR A 55 -5.49 45.16 -8.82
CA THR A 55 -6.07 44.30 -9.84
C THR A 55 -5.47 42.91 -9.83
N ASN A 56 -6.14 41.95 -10.45
CA ASN A 56 -5.57 40.63 -10.55
C ASN A 56 -4.16 40.70 -11.18
N ALA A 57 -4.02 41.47 -12.28
CA ALA A 57 -2.73 41.55 -12.94
C ALA A 57 -1.63 42.14 -12.06
N SER A 58 -1.94 43.23 -11.31
CA SER A 58 -0.90 43.87 -10.51
C SER A 58 -0.55 42.97 -9.31
N ILE A 59 -1.57 42.38 -8.68
CA ILE A 59 -1.32 41.55 -7.50
C ILE A 59 -0.51 40.31 -7.91
N LYS A 60 -0.88 39.69 -9.04
CA LYS A 60 -0.13 38.54 -9.51
C LYS A 60 1.34 38.92 -9.84
N ALA A 61 1.53 40.07 -10.56
CA ALA A 61 2.90 40.43 -10.91
C ALA A 61 3.72 40.69 -9.64
N PHE A 62 3.12 41.32 -8.63
CA PHE A 62 3.77 41.58 -7.34
C PHE A 62 4.22 40.28 -6.69
N ILE A 63 3.29 39.31 -6.62
CA ILE A 63 3.60 38.05 -5.96
C ILE A 63 4.70 37.29 -6.69
N HIS A 64 4.58 37.24 -8.05
CA HIS A 64 5.57 36.51 -8.83
C HIS A 64 6.97 37.10 -8.63
N LYS A 65 7.05 38.45 -8.60
CA LYS A 65 8.35 39.10 -8.42
C LYS A 65 8.88 38.81 -7.01
N LYS A 66 8.02 38.83 -5.99
CA LYS A 66 8.46 38.48 -4.66
C LYS A 66 9.01 37.05 -4.60
N TYR A 67 8.31 36.09 -5.26
CA TYR A 67 8.81 34.73 -5.24
C TYR A 67 10.16 34.66 -5.95
N ASN A 68 10.25 35.21 -7.18
CA ASN A 68 11.50 35.10 -7.94
C ASN A 68 12.66 35.79 -7.25
N ASP A 69 12.39 36.96 -6.64
CA ASP A 69 13.46 37.67 -5.92
C ASP A 69 13.85 36.88 -4.68
N GLY A 70 12.88 36.28 -4.00
CA GLY A 70 13.24 35.51 -2.82
C GLY A 70 14.04 34.28 -3.18
N LEU A 71 13.61 33.57 -4.22
CA LEU A 71 14.35 32.36 -4.66
C LEU A 71 15.82 32.71 -5.04
N ALA A 72 16.02 33.84 -5.73
CA ALA A 72 17.36 34.28 -6.14
C ALA A 72 18.22 34.53 -4.90
N ALA A 73 17.59 34.95 -3.78
CA ALA A 73 18.30 35.26 -2.53
C ALA A 73 18.31 34.07 -1.55
N SER A 74 18.03 32.83 -2.06
CA SER A 74 17.98 31.60 -1.22
C SER A 74 16.98 31.78 -0.04
N ALA A 75 15.87 32.44 -0.34
CA ALA A 75 14.87 32.76 0.68
C ALA A 75 13.48 32.80 0.03
N ALA A 76 13.14 31.77 -0.73
CA ALA A 76 11.83 31.77 -1.36
C ALA A 76 10.71 31.67 -0.31
N PRO A 77 9.60 32.39 -0.51
CA PRO A 77 8.42 32.13 0.35
C PRO A 77 8.02 30.66 0.24
N VAL A 78 7.61 30.08 1.37
CA VAL A 78 7.00 28.74 1.46
C VAL A 78 5.48 28.89 1.26
N PHE A 79 4.89 29.80 2.01
CA PHE A 79 3.47 30.06 1.99
C PHE A 79 3.13 31.38 1.35
N LEU A 80 1.98 31.41 0.71
CA LEU A 80 1.30 32.60 0.21
C LEU A 80 -0.06 32.67 0.88
N ALA A 81 -0.27 33.69 1.72
CA ALA A 81 -1.54 33.91 2.40
C ALA A 81 -2.28 35.07 1.73
N LEU A 82 -3.43 34.79 1.14
CA LEU A 82 -4.29 35.79 0.54
C LEU A 82 -5.37 36.11 1.54
N VAL A 83 -5.52 37.38 1.91
CA VAL A 83 -6.49 37.78 2.93
C VAL A 83 -7.53 38.69 2.31
N GLY A 84 -8.75 38.19 2.23
CA GLY A 84 -9.86 38.90 1.60
C GLY A 84 -10.63 38.02 0.64
N ASP A 85 -11.80 38.49 0.31
CA ASP A 85 -12.66 37.86 -0.67
C ASP A 85 -12.33 38.45 -2.07
N THR A 86 -13.15 38.07 -3.05
CA THR A 86 -12.88 38.41 -4.47
C THR A 86 -13.12 39.86 -4.78
N ASP A 87 -13.74 40.61 -3.87
CA ASP A 87 -13.90 42.06 -4.07
C ASP A 87 -12.55 42.78 -3.90
N VAL A 88 -11.55 42.16 -3.28
CA VAL A 88 -10.24 42.78 -3.08
C VAL A 88 -9.11 41.97 -3.76
N ILE A 89 -9.20 40.63 -3.79
CA ILE A 89 -8.19 39.79 -4.46
C ILE A 89 -8.99 38.87 -5.34
N SER A 90 -9.12 39.19 -6.63
CA SER A 90 -10.16 38.54 -7.43
C SER A 90 -9.97 37.09 -7.79
N GLY A 91 -8.75 36.61 -7.85
CA GLY A 91 -8.49 35.36 -8.56
C GLY A 91 -8.76 35.55 -10.07
N GLU A 92 -8.77 34.46 -10.83
CA GLU A 92 -9.11 34.57 -12.24
C GLU A 92 -9.77 33.26 -12.64
N LYS A 93 -10.31 33.23 -13.84
CA LYS A 93 -11.01 32.04 -14.34
CA LYS A 93 -11.00 32.02 -14.29
C LYS A 93 -9.98 30.98 -14.75
N GLY A 94 -10.15 29.75 -14.27
CA GLY A 94 -9.26 28.67 -14.68
C GLY A 94 -9.35 28.40 -16.19
N LYS A 95 -8.21 28.04 -16.79
CA LYS A 95 -8.12 27.68 -18.23
CA LYS A 95 -8.10 27.70 -18.22
C LYS A 95 -8.92 26.41 -18.46
N LYS A 96 -8.86 25.49 -17.49
CA LYS A 96 -9.57 24.22 -17.61
CA LYS A 96 -9.57 24.21 -17.62
C LYS A 96 -10.87 24.24 -16.86
N THR A 97 -10.88 24.85 -15.67
CA THR A 97 -12.11 24.78 -14.87
C THR A 97 -13.17 25.76 -15.29
N LYS A 98 -12.77 26.91 -15.89
CA LYS A 98 -13.72 27.97 -16.24
C LYS A 98 -14.38 28.55 -14.99
N LYS A 99 -13.77 28.33 -13.82
CA LYS A 99 -14.30 28.84 -12.54
C LYS A 99 -13.16 29.53 -11.83
N VAL A 100 -13.48 30.32 -10.80
CA VAL A 100 -12.43 31.09 -10.13
C VAL A 100 -11.35 30.15 -9.59
N THR A 101 -10.10 30.65 -9.64
CA THR A 101 -8.97 29.95 -9.05
C THR A 101 -7.97 30.98 -8.56
N ASP A 102 -7.23 30.53 -7.55
CA ASP A 102 -6.08 31.26 -7.01
C ASP A 102 -4.77 30.64 -7.52
N LEU A 103 -4.86 29.59 -8.36
CA LEU A 103 -3.64 28.90 -8.78
C LEU A 103 -2.61 29.84 -9.38
N TYR A 104 -3.05 30.79 -10.21
CA TYR A 104 -2.06 31.57 -10.96
C TYR A 104 -1.38 32.66 -10.13
N TYR A 105 -1.82 32.89 -8.90
CA TYR A 105 -0.99 33.69 -7.99
C TYR A 105 0.22 32.87 -7.54
N SER A 106 0.04 31.56 -7.35
CA SER A 106 1.05 30.60 -6.82
C SER A 106 1.94 29.99 -7.91
N ALA A 107 1.45 29.90 -9.12
CA ALA A 107 2.14 29.23 -10.22
C ALA A 107 2.95 30.28 -10.92
N VAL A 108 4.25 30.31 -10.61
CA VAL A 108 5.09 31.41 -11.07
C VAL A 108 5.82 31.09 -12.37
N ASP A 109 6.40 29.89 -12.46
CA ASP A 109 7.07 29.48 -13.69
C ASP A 109 5.99 28.89 -14.63
N GLY A 110 6.41 28.30 -15.76
CA GLY A 110 5.46 27.97 -16.81
C GLY A 110 4.46 26.86 -16.61
N ASP A 111 4.70 26.00 -15.62
CA ASP A 111 3.83 24.83 -15.51
C ASP A 111 2.63 25.13 -14.61
N TYR A 112 1.86 24.07 -14.28
CA TYR A 112 0.67 24.31 -13.45
C TYR A 112 0.87 23.92 -11.98
N PHE A 113 2.11 23.58 -11.60
CA PHE A 113 2.42 23.28 -10.22
C PHE A 113 2.75 24.55 -9.44
N PRO A 114 2.10 24.80 -8.33
CA PRO A 114 2.45 25.98 -7.53
C PRO A 114 3.89 26.00 -7.05
N GLU A 115 4.41 27.22 -6.88
CA GLU A 115 5.72 27.47 -6.23
C GLU A 115 5.60 27.66 -4.75
N MET A 116 4.38 27.97 -4.25
CA MET A 116 4.11 28.28 -2.87
C MET A 116 2.84 27.59 -2.43
N TYR A 117 2.74 27.22 -1.16
CA TYR A 117 1.48 26.75 -0.59
C TYR A 117 0.57 27.92 -0.36
N THR A 118 -0.54 28.00 -1.08
CA THR A 118 -1.42 29.13 -1.09
C THR A 118 -2.72 28.82 -0.41
N PHE A 119 -3.20 29.77 0.39
CA PHE A 119 -4.50 29.65 1.04
C PHE A 119 -5.12 31.01 1.08
N ARG A 120 -6.44 31.05 1.26
CA ARG A 120 -7.19 32.28 1.27
C ARG A 120 -8.03 32.40 2.52
N MET A 121 -7.73 33.42 3.35
CA MET A 121 -8.52 33.78 4.51
CA MET A 121 -8.56 33.73 4.49
C MET A 121 -9.60 34.70 3.97
N SER A 122 -10.69 34.12 3.44
CA SER A 122 -11.73 34.92 2.80
C SER A 122 -12.70 35.46 3.83
N ALA A 123 -12.82 36.78 3.89
CA ALA A 123 -13.69 37.45 4.84
C ALA A 123 -14.35 38.62 4.14
N SER A 124 -15.57 38.99 4.58
CA SER A 124 -16.24 40.15 4.04
C SER A 124 -16.20 41.33 5.01
N SER A 125 -15.66 41.13 6.18
CA SER A 125 -15.55 42.18 7.19
C SER A 125 -14.36 41.84 8.08
N PRO A 126 -13.79 42.85 8.78
CA PRO A 126 -12.74 42.55 9.79
C PRO A 126 -13.24 41.58 10.86
N GLU A 127 -14.53 41.66 11.25
CA GLU A 127 -15.08 40.78 12.27
C GLU A 127 -15.04 39.30 11.80
N GLU A 128 -15.37 39.05 10.53
CA GLU A 128 -15.28 37.67 10.03
C GLU A 128 -13.84 37.19 9.99
N LEU A 129 -12.90 38.07 9.64
CA LEU A 129 -11.49 37.65 9.69
C LEU A 129 -11.08 37.30 11.12
N THR A 130 -11.50 38.13 12.10
CA THR A 130 -11.22 37.81 13.49
C THR A 130 -11.81 36.46 13.86
N ASN A 131 -13.01 36.14 13.34
CA ASN A 131 -13.61 34.84 13.67
C ASN A 131 -12.69 33.71 13.26
N ILE A 132 -12.13 33.82 12.04
CA ILE A 132 -11.24 32.75 11.56
C ILE A 132 -10.02 32.69 12.42
N ILE A 133 -9.39 33.88 12.65
CA ILE A 133 -8.14 33.92 13.42
C ILE A 133 -8.31 33.36 14.81
N ASP A 134 -9.45 33.69 15.49
CA ASP A 134 -9.60 33.19 16.88
C ASP A 134 -9.63 31.67 16.93
N LYS A 135 -10.22 31.03 15.90
CA LYS A 135 -10.24 29.56 15.86
C LYS A 135 -8.86 29.00 15.61
N VAL A 136 -8.12 29.62 14.67
CA VAL A 136 -6.73 29.20 14.39
C VAL A 136 -5.87 29.31 15.63
N LEU A 137 -5.97 30.43 16.36
CA LEU A 137 -5.13 30.67 17.54
CA LEU A 137 -5.07 30.60 17.50
C LEU A 137 -5.43 29.63 18.62
N MET A 138 -6.73 29.36 18.86
CA MET A 138 -7.04 28.37 19.89
C MET A 138 -6.52 27.00 19.51
N TYR A 139 -6.66 26.65 18.21
CA TYR A 139 -6.21 25.33 17.78
C TYR A 139 -4.69 25.19 17.85
N GLU A 140 -3.96 26.18 17.30
CA GLU A 140 -2.49 26.09 17.23
C GLU A 140 -1.80 26.29 18.58
N LYS A 141 -2.38 27.13 19.43
CA LYS A 141 -1.83 27.34 20.79
C LYS A 141 -2.36 26.26 21.73
N ALA A 142 -3.33 25.43 21.26
CA ALA A 142 -3.91 24.34 22.05
C ALA A 142 -4.44 24.82 23.39
N THR A 143 -5.26 25.89 23.32
CA THR A 143 -5.86 26.47 24.53
C THR A 143 -7.29 25.99 24.72
N MET A 144 -7.75 24.98 23.95
CA MET A 144 -9.11 24.50 24.12
C MET A 144 -9.26 23.75 25.46
N PRO A 145 -10.44 23.89 26.11
CA PRO A 145 -10.67 23.16 27.40
C PRO A 145 -11.08 21.67 27.25
N ASP A 146 -11.50 21.23 26.06
CA ASP A 146 -11.84 19.81 25.83
C ASP A 146 -10.91 19.30 24.72
N LYS A 147 -9.69 18.85 25.10
CA LYS A 147 -8.76 18.29 24.05
C LYS A 147 -9.21 16.92 23.58
N SER A 148 -10.12 16.25 24.30
CA SER A 148 -10.57 14.93 23.85
C SER A 148 -11.25 14.98 22.46
N TYR A 149 -11.77 16.13 22.05
CA TYR A 149 -12.43 16.23 20.73
C TYR A 149 -11.41 15.90 19.62
N LEU A 150 -10.13 16.13 19.89
CA LEU A 150 -9.07 15.89 18.91
C LEU A 150 -8.95 14.40 18.57
N GLU A 151 -9.54 13.52 19.40
CA GLU A 151 -9.47 12.08 19.23
C GLU A 151 -10.67 11.54 18.44
N LYS A 152 -11.41 12.44 17.79
CA LYS A 152 -12.66 12.05 17.13
CA LYS A 152 -12.66 12.06 17.13
C LYS A 152 -12.70 12.63 15.72
N VAL A 153 -13.30 11.89 14.77
CA VAL A 153 -13.40 12.35 13.39
C VAL A 153 -14.76 11.95 12.85
N LEU A 154 -15.17 12.61 11.76
CA LEU A 154 -16.41 12.31 11.03
C LEU A 154 -16.05 12.07 9.57
N LEU A 155 -16.43 10.86 9.07
CA LEU A 155 -16.14 10.43 7.68
C LEU A 155 -17.43 9.99 7.03
N ILE A 156 -17.76 10.58 5.87
CA ILE A 156 -19.03 10.28 5.22
C ILE A 156 -18.80 9.96 3.75
N ALA A 157 -19.28 8.77 3.33
CA ALA A 157 -19.42 8.44 1.92
C ALA A 157 -20.88 8.75 1.59
N GLY A 158 -21.15 9.92 1.02
CA GLY A 158 -22.52 10.35 0.78
C GLY A 158 -23.21 9.61 -0.34
N ALA A 159 -24.41 10.08 -0.64
CA ALA A 159 -25.31 9.36 -1.55
C ALA A 159 -24.95 9.51 -3.01
N ASP A 160 -24.97 8.38 -3.72
CA ASP A 160 -24.91 8.32 -5.19
C ASP A 160 -25.26 6.91 -5.55
N TYR A 161 -26.30 6.71 -6.38
CA TYR A 161 -26.81 5.34 -6.59
C TYR A 161 -25.72 4.38 -7.03
N SER A 162 -24.85 4.83 -7.97
CA SER A 162 -23.79 3.94 -8.46
C SER A 162 -22.44 4.15 -7.79
N TRP A 163 -22.08 5.40 -7.50
CA TRP A 163 -20.71 5.67 -7.03
C TRP A 163 -20.53 5.50 -5.53
N ASN A 164 -21.60 5.51 -4.72
CA ASN A 164 -21.36 5.33 -3.29
C ASN A 164 -20.67 3.98 -3.04
N SER A 165 -21.13 2.90 -3.69
CA SER A 165 -20.49 1.62 -3.41
C SER A 165 -19.17 1.45 -4.14
N GLN A 166 -19.05 2.06 -5.34
CA GLN A 166 -17.87 1.84 -6.16
CA GLN A 166 -17.87 1.84 -6.17
C GLN A 166 -16.68 2.65 -5.72
N VAL A 167 -16.92 3.85 -5.17
CA VAL A 167 -15.80 4.73 -4.80
C VAL A 167 -15.96 5.31 -3.40
N GLY A 168 -17.15 5.81 -3.04
CA GLY A 168 -17.28 6.48 -1.75
C GLY A 168 -16.92 5.59 -0.58
N GLN A 169 -17.54 4.39 -0.55
CA GLN A 169 -17.25 3.48 0.57
C GLN A 169 -15.79 2.99 0.57
N PRO A 170 -15.22 2.58 -0.58
CA PRO A 170 -13.80 2.19 -0.56
C PRO A 170 -12.90 3.32 -0.07
N THR A 171 -13.22 4.59 -0.44
CA THR A 171 -12.39 5.73 0.03
C THR A 171 -12.38 5.79 1.57
N ILE A 172 -13.59 5.84 2.16
CA ILE A 172 -13.65 6.01 3.62
C ILE A 172 -13.12 4.78 4.34
N LYS A 173 -13.38 3.58 3.80
CA LYS A 173 -12.87 2.35 4.39
C LYS A 173 -11.35 2.33 4.38
N TYR A 174 -10.71 2.81 3.32
CA TYR A 174 -9.23 2.87 3.27
C TYR A 174 -8.73 3.78 4.39
N GLY A 175 -9.33 4.98 4.50
CA GLY A 175 -8.95 5.90 5.58
C GLY A 175 -9.05 5.26 6.97
N MET A 176 -10.15 4.60 7.22
CA MET A 176 -10.34 3.93 8.51
C MET A 176 -9.43 2.73 8.74
N GLN A 177 -9.16 1.95 7.70
CA GLN A 177 -8.32 0.78 7.86
C GLN A 177 -6.95 1.22 8.30
N TYR A 178 -6.37 2.22 7.59
CA TYR A 178 -4.97 2.52 7.83
C TYR A 178 -4.71 3.60 8.84
N TYR A 179 -5.63 4.57 9.03
CA TYR A 179 -5.26 5.76 9.82
C TYR A 179 -6.29 6.17 10.86
N TYR A 180 -7.55 6.36 10.45
CA TYR A 180 -8.59 6.86 11.37
C TYR A 180 -9.15 5.70 12.15
N ASN A 181 -8.37 5.34 13.18
CA ASN A 181 -8.70 4.16 13.97
C ASN A 181 -8.08 4.23 15.36
N GLN A 182 -8.45 3.28 16.21
CA GLN A 182 -8.01 3.31 17.61
C GLN A 182 -6.50 3.12 17.72
N GLU A 183 -5.89 2.39 16.79
CA GLU A 183 -4.44 2.14 16.82
C GLU A 183 -3.66 3.41 16.59
N HIS A 184 -4.30 4.46 16.00
CA HIS A 184 -3.67 5.78 15.81
C HIS A 184 -4.17 6.79 16.84
N GLY A 185 -4.90 6.32 17.85
CA GLY A 185 -5.37 7.18 18.93
C GLY A 185 -6.77 7.74 18.80
N TYR A 186 -7.51 7.41 17.76
CA TYR A 186 -8.86 7.93 17.61
C TYR A 186 -9.84 7.07 18.36
N THR A 187 -10.49 7.66 19.36
CA THR A 187 -11.45 6.96 20.20
C THR A 187 -12.81 6.86 19.57
N ASP A 188 -13.15 7.79 18.66
CA ASP A 188 -14.48 7.84 18.05
C ASP A 188 -14.34 8.19 16.59
N VAL A 189 -14.57 7.22 15.73
CA VAL A 189 -14.47 7.38 14.30
C VAL A 189 -15.91 7.30 13.79
N TYR A 190 -16.59 8.43 13.80
CA TYR A 190 -17.99 8.46 13.35
C TYR A 190 -17.97 8.32 11.85
N ASN A 191 -18.64 7.31 11.32
CA ASN A 191 -18.55 7.06 9.86
C ASN A 191 -19.90 6.61 9.35
N TYR A 192 -20.27 7.16 8.19
CA TYR A 192 -21.53 6.84 7.55
C TYR A 192 -21.21 6.45 6.12
N LEU A 193 -21.35 5.17 5.82
CA LEU A 193 -20.97 4.62 4.53
C LEU A 193 -22.07 4.62 3.53
N LYS A 194 -23.30 4.67 4.01
CA LYS A 194 -24.50 4.58 3.16
C LYS A 194 -25.69 4.95 4.03
N ALA A 195 -26.84 5.10 3.41
CA ALA A 195 -28.07 5.43 4.14
C ALA A 195 -28.43 4.27 5.09
N PRO A 196 -29.02 4.59 6.27
CA PRO A 196 -29.43 5.93 6.70
C PRO A 196 -28.29 6.79 7.21
N TYR A 197 -28.33 8.05 6.81
CA TYR A 197 -27.36 9.05 7.27
C TYR A 197 -27.82 9.83 8.49
N THR A 198 -29.03 9.54 8.96
CA THR A 198 -29.65 10.26 10.04
C THR A 198 -28.72 10.54 11.21
N GLY A 199 -28.61 11.82 11.57
CA GLY A 199 -27.83 12.26 12.70
C GLY A 199 -26.34 12.40 12.45
N CYS A 200 -25.89 12.22 11.21
CA CYS A 200 -24.44 12.22 10.96
C CYS A 200 -23.76 13.55 11.26
N TYR A 201 -24.45 14.68 11.16
CA TYR A 201 -23.80 15.97 11.41
C TYR A 201 -23.87 16.41 12.88
N SER A 202 -24.54 15.63 13.74
CA SER A 202 -24.53 15.95 15.17
CA SER A 202 -24.56 16.01 15.15
C SER A 202 -23.13 16.00 15.73
N HIS A 203 -22.25 15.15 15.16
CA HIS A 203 -20.88 15.02 15.64
C HIS A 203 -20.06 16.29 15.40
N LEU A 204 -20.48 17.13 14.44
CA LEU A 204 -19.78 18.41 14.27
C LEU A 204 -20.01 19.32 15.45
N ASN A 205 -21.14 19.16 16.14
CA ASN A 205 -21.44 19.95 17.32
C ASN A 205 -20.73 19.42 18.54
N THR A 206 -20.75 18.10 18.74
CA THR A 206 -20.19 17.54 19.97
C THR A 206 -18.68 17.55 19.96
N GLY A 207 -18.08 17.45 18.78
CA GLY A 207 -16.64 17.64 18.64
C GLY A 207 -15.96 16.60 17.81
N VAL A 208 -15.36 17.08 16.72
CA VAL A 208 -14.45 16.28 15.90
C VAL A 208 -13.30 17.19 15.48
N SER A 209 -12.14 16.57 15.25
CA SER A 209 -10.95 17.30 14.76
C SER A 209 -10.99 17.47 13.24
N PHE A 210 -11.72 16.59 12.56
CA PHE A 210 -11.61 16.42 11.11
C PHE A 210 -12.93 15.88 10.63
N ALA A 211 -13.41 16.41 9.52
CA ALA A 211 -14.64 15.95 8.86
C ALA A 211 -14.36 15.86 7.39
N ASN A 212 -14.64 14.68 6.77
CA ASN A 212 -14.43 14.52 5.32
C ASN A 212 -15.67 13.89 4.73
N TYR A 213 -16.23 14.59 3.74
CA TYR A 213 -17.41 14.17 2.99
C TYR A 213 -16.98 13.94 1.54
N THR A 214 -17.36 12.80 0.96
CA THR A 214 -17.15 12.52 -0.45
C THR A 214 -18.47 12.06 -1.06
N ALA A 215 -19.02 12.86 -1.97
CA ALA A 215 -20.27 12.66 -2.73
C ALA A 215 -20.66 13.99 -3.36
N HIS A 216 -21.95 14.33 -3.48
CA HIS A 216 -22.37 15.53 -4.23
C HIS A 216 -22.26 16.80 -3.43
N GLY A 217 -21.84 17.86 -4.09
CA GLY A 217 -21.77 19.18 -3.52
C GLY A 217 -22.49 20.23 -4.32
N SER A 218 -22.90 21.29 -3.64
CA SER A 218 -23.38 22.50 -4.29
C SER A 218 -22.53 23.67 -3.77
N GLU A 219 -22.79 24.88 -4.25
CA GLU A 219 -21.97 26.03 -3.80
C GLU A 219 -22.14 26.28 -2.32
N THR A 220 -23.29 25.87 -1.77
CA THR A 220 -23.62 26.21 -0.37
C THR A 220 -23.96 25.00 0.46
N ALA A 221 -23.58 23.78 0.03
CA ALA A 221 -23.92 22.60 0.81
C ALA A 221 -23.09 21.42 0.44
N TRP A 222 -22.92 20.53 1.42
CA TRP A 222 -22.70 19.10 1.19
C TRP A 222 -24.11 18.58 0.91
N ALA A 223 -24.37 18.02 -0.26
CA ALA A 223 -25.76 17.87 -0.70
C ALA A 223 -26.54 16.70 -0.13
N ASP A 224 -25.90 15.57 0.12
CA ASP A 224 -26.69 14.39 0.58
C ASP A 224 -25.73 13.36 1.19
N PRO A 225 -25.70 13.24 2.52
CA PRO A 225 -26.60 13.90 3.47
C PRO A 225 -26.39 15.41 3.50
N LEU A 226 -27.48 16.16 3.63
CA LEU A 226 -27.47 17.57 3.47
C LEU A 226 -26.94 18.33 4.69
N LEU A 227 -26.00 19.24 4.40
CA LEU A 227 -25.48 20.19 5.39
C LEU A 227 -25.36 21.51 4.67
N THR A 228 -26.23 22.44 4.99
CA THR A 228 -26.26 23.72 4.27
C THR A 228 -25.48 24.81 5.01
N THR A 229 -25.24 25.94 4.32
CA THR A 229 -24.62 27.12 4.98
C THR A 229 -25.50 27.62 6.14
N SER A 230 -26.84 27.56 6.00
CA SER A 230 -27.69 27.98 7.11
CA SER A 230 -27.71 27.98 7.09
C SER A 230 -27.47 27.08 8.33
N GLN A 231 -27.29 25.78 8.13
CA GLN A 231 -27.02 24.85 9.21
CA GLN A 231 -27.02 24.85 9.21
C GLN A 231 -25.61 25.06 9.82
N LEU A 232 -24.64 25.46 8.97
CA LEU A 232 -23.30 25.77 9.52
C LEU A 232 -23.40 26.91 10.53
N LYS A 233 -24.26 27.88 10.27
CA LYS A 233 -24.38 29.04 11.17
C LYS A 233 -24.97 28.67 12.53
N ALA A 234 -25.64 27.50 12.62
CA ALA A 234 -26.26 27.00 13.83
C ALA A 234 -25.43 25.93 14.54
N LEU A 235 -24.18 25.63 14.08
CA LEU A 235 -23.31 24.70 14.81
C LEU A 235 -23.04 25.23 16.23
N THR A 236 -22.72 24.31 17.14
CA THR A 236 -22.53 24.67 18.54
C THR A 236 -21.17 24.24 19.05
N ASN A 237 -20.18 23.95 18.15
CA ASN A 237 -18.89 23.40 18.55
C ASN A 237 -17.90 24.46 19.04
N LYS A 238 -18.34 25.27 20.02
CA LYS A 238 -17.46 26.25 20.62
CA LYS A 238 -17.47 26.25 20.62
C LYS A 238 -16.25 25.54 21.16
N ASP A 239 -15.06 26.10 20.86
CA ASP A 239 -13.77 25.61 21.29
C ASP A 239 -13.40 24.25 20.73
N LYS A 240 -14.09 23.79 19.67
CA LYS A 240 -13.82 22.45 19.12
C LYS A 240 -13.75 22.54 17.60
N TYR A 241 -12.71 23.25 17.12
CA TYR A 241 -12.63 23.58 15.71
C TYR A 241 -11.94 22.51 14.91
N PHE A 242 -12.45 22.29 13.69
CA PHE A 242 -11.98 21.19 12.84
C PHE A 242 -11.39 21.67 11.50
N LEU A 243 -10.69 20.74 10.85
CA LEU A 243 -10.40 20.83 9.42
C LEU A 243 -11.53 20.05 8.72
N ALA A 244 -12.14 20.65 7.70
CA ALA A 244 -13.15 19.92 6.90
C ALA A 244 -12.65 19.85 5.47
N ILE A 245 -12.94 18.72 4.83
CA ILE A 245 -12.57 18.47 3.41
C ILE A 245 -13.82 17.99 2.70
N GLY A 246 -14.24 18.75 1.69
CA GLY A 246 -15.37 18.36 0.83
C GLY A 246 -14.82 17.88 -0.51
N ASN A 247 -14.74 16.56 -0.67
CA ASN A 247 -14.38 15.96 -1.98
C ASN A 247 -15.67 15.82 -2.78
N CYS A 248 -16.04 16.93 -3.42
CA CYS A 248 -17.37 17.13 -4.03
C CYS A 248 -17.33 18.36 -4.88
N CYS A 249 -18.37 18.60 -5.67
CA CYS A 249 -18.43 19.80 -6.50
C CYS A 249 -18.58 21.07 -5.68
N ILE A 250 -17.96 22.14 -6.19
CA ILE A 250 -18.22 23.58 -6.10
C ILE A 250 -18.42 24.18 -4.69
N THR A 251 -18.18 23.44 -3.60
CA THR A 251 -18.34 24.07 -2.28
C THR A 251 -17.30 25.14 -1.98
N ALA A 252 -16.21 25.22 -2.75
CA ALA A 252 -15.19 26.25 -2.55
C ALA A 252 -15.24 27.22 -3.70
N GLN A 253 -16.41 27.42 -4.34
CA GLN A 253 -16.53 28.41 -5.47
C GLN A 253 -16.71 29.78 -4.83
N PHE A 254 -15.56 30.39 -4.51
CA PHE A 254 -15.56 31.54 -3.61
C PHE A 254 -15.83 32.87 -4.28
N ASP A 255 -16.17 32.91 -5.59
CA ASP A 255 -16.72 34.10 -6.22
C ASP A 255 -18.23 33.93 -6.50
N TYR A 256 -18.89 32.99 -5.86
CA TYR A 256 -20.32 32.80 -6.01
C TYR A 256 -21.08 34.04 -5.51
N VAL A 257 -22.33 34.20 -5.96
CA VAL A 257 -23.19 35.35 -5.62
CA VAL A 257 -23.19 35.35 -5.61
C VAL A 257 -23.49 35.41 -4.12
N GLN A 258 -23.35 34.28 -3.42
CA GLN A 258 -23.44 34.30 -1.97
CA GLN A 258 -23.47 34.20 -1.97
C GLN A 258 -22.16 33.63 -1.43
N PRO A 259 -21.82 33.83 -0.16
CA PRO A 259 -20.63 33.15 0.38
C PRO A 259 -20.77 31.63 0.18
N CYS A 260 -19.71 31.01 -0.32
CA CYS A 260 -19.81 29.59 -0.56
C CYS A 260 -19.68 28.81 0.76
N PHE A 261 -19.95 27.50 0.71
CA PHE A 261 -19.87 26.64 1.87
C PHE A 261 -18.50 26.77 2.57
N GLY A 262 -17.41 26.74 1.78
CA GLY A 262 -16.07 26.82 2.41
C GLY A 262 -15.82 28.16 3.10
N GLU A 263 -16.41 29.24 2.56
CA GLU A 263 -16.28 30.55 3.19
C GLU A 263 -17.10 30.55 4.48
N VAL A 264 -18.36 30.06 4.41
CA VAL A 264 -19.19 30.11 5.64
C VAL A 264 -18.57 29.25 6.74
N ILE A 265 -18.09 28.05 6.41
CA ILE A 265 -17.64 27.14 7.47
C ILE A 265 -16.41 27.71 8.21
N THR A 266 -15.62 28.57 7.52
CA THR A 266 -14.48 29.19 8.17
C THR A 266 -14.86 30.52 8.79
N ARG A 267 -15.78 31.30 8.19
CA ARG A 267 -16.17 32.62 8.74
C ARG A 267 -17.00 32.53 10.02
N VAL A 268 -17.75 31.45 10.25
CA VAL A 268 -18.68 31.45 11.39
C VAL A 268 -17.92 31.56 12.71
N LYS A 269 -18.54 32.32 13.65
CA LYS A 269 -17.89 32.67 14.91
C LYS A 269 -17.96 31.55 15.95
N GLU A 270 -16.82 31.15 16.49
CA GLU A 270 -16.76 30.19 17.61
C GLU A 270 -17.55 28.92 17.30
N LYS A 271 -17.47 28.50 16.05
CA LYS A 271 -18.07 27.24 15.59
C LYS A 271 -17.44 26.94 14.23
N GLY A 272 -17.79 25.79 13.68
CA GLY A 272 -17.26 25.45 12.35
C GLY A 272 -15.77 25.12 12.37
N ALA A 273 -15.12 25.48 11.26
CA ALA A 273 -13.76 25.03 10.94
C ALA A 273 -12.72 26.12 11.08
N TYR A 274 -11.44 25.71 11.25
CA TYR A 274 -10.33 26.65 11.11
C TYR A 274 -9.76 26.66 9.68
N ALA A 275 -10.09 25.64 8.88
CA ALA A 275 -9.65 25.56 7.48
C ALA A 275 -10.58 24.60 6.79
N TYR A 276 -10.69 24.81 5.47
CA TYR A 276 -11.52 23.98 4.57
C TYR A 276 -10.77 23.74 3.30
N ILE A 277 -10.80 22.48 2.85
CA ILE A 277 -10.28 22.13 1.51
C ILE A 277 -11.46 21.70 0.66
N GLY A 278 -11.63 22.30 -0.50
CA GLY A 278 -12.69 21.89 -1.40
C GLY A 278 -12.41 22.42 -2.79
N SER A 279 -13.35 22.16 -3.68
CA SER A 279 -13.20 22.47 -5.10
C SER A 279 -14.06 23.65 -5.51
N SER A 280 -13.45 24.58 -6.30
CA SER A 280 -14.21 25.69 -6.88
C SER A 280 -15.15 25.22 -8.03
N PRO A 281 -14.66 24.43 -8.99
CA PRO A 281 -15.56 23.88 -10.04
C PRO A 281 -16.09 22.53 -9.58
N ASN A 282 -16.72 21.80 -10.49
CA ASN A 282 -17.09 20.41 -10.19
C ASN A 282 -15.88 19.59 -9.88
N SER A 283 -16.00 18.62 -8.99
CA SER A 283 -14.96 17.62 -8.82
C SER A 283 -15.44 16.33 -9.48
N TYR A 284 -14.55 15.34 -9.60
CA TYR A 284 -14.91 14.13 -10.35
C TYR A 284 -14.66 12.91 -9.53
N TRP A 285 -15.51 11.89 -9.74
CA TRP A 285 -15.40 10.68 -8.92
C TRP A 285 -14.04 10.01 -9.05
N GLY A 286 -13.51 9.87 -10.26
CA GLY A 286 -12.23 9.16 -10.41
C GLY A 286 -11.07 9.87 -9.78
N GLU A 287 -10.84 11.15 -10.19
CA GLU A 287 -9.73 11.90 -9.60
C GLU A 287 -9.90 12.07 -8.10
N ASP A 288 -11.14 12.27 -7.58
CA ASP A 288 -11.26 12.41 -6.12
C ASP A 288 -10.90 11.10 -5.43
N TYR A 289 -11.19 9.94 -6.07
CA TYR A 289 -10.80 8.64 -5.48
C TYR A 289 -9.28 8.60 -5.28
N TYR A 290 -8.56 8.89 -6.35
CA TYR A 290 -7.09 8.89 -6.25
C TYR A 290 -6.60 9.93 -5.27
N TRP A 291 -7.25 11.10 -5.28
CA TRP A 291 -6.88 12.20 -4.37
C TRP A 291 -6.78 11.72 -2.94
N SER A 292 -7.80 10.97 -2.49
CA SER A 292 -7.80 10.50 -1.10
C SER A 292 -6.99 9.28 -0.84
N VAL A 293 -7.04 8.25 -1.73
CA VAL A 293 -6.44 6.94 -1.48
CA VAL A 293 -6.42 6.96 -1.43
C VAL A 293 -5.07 6.75 -2.10
N GLY A 294 -4.84 7.39 -3.26
CA GLY A 294 -3.64 7.18 -4.07
C GLY A 294 -4.05 6.68 -5.44
N ALA A 295 -3.11 6.84 -6.39
CA ALA A 295 -3.33 6.27 -7.72
C ALA A 295 -3.29 4.73 -7.66
N ASN A 296 -3.73 4.12 -8.77
CA ASN A 296 -3.85 2.63 -8.88
C ASN A 296 -5.03 2.09 -8.04
N ALA A 297 -5.88 2.97 -7.55
CA ALA A 297 -7.16 2.56 -6.95
C ALA A 297 -8.09 2.13 -8.08
N VAL A 298 -8.87 1.09 -7.84
CA VAL A 298 -9.79 0.52 -8.83
C VAL A 298 -11.23 0.64 -8.33
N PHE A 299 -12.13 1.07 -9.20
CA PHE A 299 -13.52 1.21 -8.83
C PHE A 299 -14.12 -0.12 -8.41
N GLY A 300 -14.80 -0.13 -7.27
CA GLY A 300 -15.50 -1.32 -6.83
C GLY A 300 -14.63 -2.39 -6.22
N VAL A 301 -13.35 -2.12 -5.95
CA VAL A 301 -12.40 -3.07 -5.43
C VAL A 301 -11.70 -2.36 -4.31
N GLN A 302 -11.66 -2.95 -3.13
CA GLN A 302 -11.09 -2.24 -2.02
C GLN A 302 -9.58 -1.98 -2.22
N PRO A 303 -9.10 -0.70 -2.16
CA PRO A 303 -7.65 -0.49 -2.29
C PRO A 303 -6.90 -0.84 -1.03
N THR A 304 -5.63 -1.25 -1.20
CA THR A 304 -4.74 -1.44 -0.07
C THR A 304 -3.55 -0.51 -0.20
N PHE A 305 -2.82 -0.39 0.92
CA PHE A 305 -1.66 0.49 0.95
C PHE A 305 -0.59 0.03 -0.06
N GLU A 306 -0.38 -1.28 -0.18
CA GLU A 306 0.64 -1.84 -1.08
CA GLU A 306 0.65 -1.80 -1.04
C GLU A 306 0.28 -1.73 -2.52
N GLY A 307 -0.99 -1.61 -2.83
CA GLY A 307 -1.40 -1.58 -4.22
C GLY A 307 -1.74 -0.21 -4.76
N THR A 308 -1.50 0.87 -3.96
CA THR A 308 -1.79 2.22 -4.41
C THR A 308 -0.57 3.09 -4.14
N SER A 309 -0.49 4.23 -4.84
CA SER A 309 0.51 5.22 -4.53
C SER A 309 0.04 6.08 -3.36
N MET A 310 0.83 7.09 -3.02
CA MET A 310 0.48 7.93 -1.88
C MET A 310 -0.68 8.89 -2.21
N GLY A 311 -1.73 8.86 -1.39
CA GLY A 311 -2.81 9.83 -1.52
C GLY A 311 -2.84 10.75 -0.32
N SER A 312 -3.89 11.57 -0.24
CA SER A 312 -3.96 12.58 0.81
CA SER A 312 -3.97 12.58 0.79
C SER A 312 -3.98 11.96 2.21
N TYR A 313 -4.73 10.87 2.41
CA TYR A 313 -4.73 10.24 3.76
C TYR A 313 -3.33 9.74 4.13
N ASP A 314 -2.68 9.06 3.17
CA ASP A 314 -1.34 8.51 3.42
C ASP A 314 -0.38 9.64 3.79
N ALA A 315 -0.42 10.77 3.05
CA ALA A 315 0.52 11.84 3.29
C ALA A 315 0.27 12.45 4.66
N THR A 316 -1.02 12.66 4.98
CA THR A 316 -1.36 13.25 6.28
C THR A 316 -0.62 12.48 7.38
N PHE A 317 -0.70 11.15 7.32
CA PHE A 317 -0.17 10.33 8.40
C PHE A 317 1.31 9.97 8.31
N LEU A 318 2.02 10.41 7.27
CA LEU A 318 3.49 10.38 7.33
C LEU A 318 3.89 11.31 8.48
N GLU A 319 4.76 10.82 9.34
CA GLU A 319 5.16 11.59 10.51
CA GLU A 319 5.14 11.60 10.51
C GLU A 319 6.09 12.75 10.16
N ASP A 320 6.96 12.56 9.18
CA ASP A 320 8.03 13.52 8.92
C ASP A 320 7.84 14.40 7.71
N SER A 321 6.66 14.35 7.09
CA SER A 321 6.39 15.26 5.98
C SER A 321 4.89 15.33 5.82
N TYR A 322 4.44 16.28 4.98
CA TYR A 322 3.03 16.52 4.67
C TYR A 322 2.23 16.71 5.98
N ASN A 323 2.67 17.69 6.75
CA ASN A 323 2.12 17.98 8.07
C ASN A 323 1.30 19.25 8.14
N THR A 324 1.09 19.96 7.03
CA THR A 324 0.23 21.16 7.02
C THR A 324 -1.09 20.85 6.34
N VAL A 325 -2.04 21.74 6.51
CA VAL A 325 -3.32 21.68 5.78
C VAL A 325 -3.04 21.77 4.27
N ASN A 326 -2.22 22.76 3.85
CA ASN A 326 -1.96 22.85 2.40
C ASN A 326 -1.36 21.57 1.89
N SER A 327 -0.47 20.90 2.64
CA SER A 327 0.18 19.71 2.14
C SER A 327 -0.81 18.57 1.92
N ILE A 328 -1.92 18.52 2.67
CA ILE A 328 -2.94 17.44 2.47
C ILE A 328 -3.51 17.61 1.07
N MET A 329 -3.88 18.87 0.72
CA MET A 329 -4.42 19.16 -0.63
C MET A 329 -3.39 18.87 -1.72
N TRP A 330 -2.14 19.25 -1.46
CA TRP A 330 -1.03 19.04 -2.39
C TRP A 330 -0.91 17.55 -2.70
N ALA A 331 -0.88 16.71 -1.65
CA ALA A 331 -0.75 15.25 -1.81
C ALA A 331 -1.91 14.69 -2.64
N GLY A 332 -3.14 15.16 -2.39
CA GLY A 332 -4.27 14.68 -3.19
C GLY A 332 -4.09 15.01 -4.64
N ASN A 333 -3.68 16.25 -4.91
CA ASN A 333 -3.46 16.64 -6.31
C ASN A 333 -2.31 15.88 -6.93
N LEU A 334 -1.26 15.56 -6.16
CA LEU A 334 -0.18 14.74 -6.72
C LEU A 334 -0.69 13.37 -7.11
N ALA A 335 -1.56 12.78 -6.27
CA ALA A 335 -2.08 11.45 -6.59
C ALA A 335 -2.95 11.50 -7.86
N ALA A 336 -3.79 12.53 -8.01
CA ALA A 336 -4.59 12.63 -9.21
C ALA A 336 -3.67 12.80 -10.44
N THR A 337 -2.52 13.51 -10.25
CA THR A 337 -1.59 13.70 -11.35
C THR A 337 -0.90 12.39 -11.66
N HIS A 338 -0.43 11.68 -10.63
CA HIS A 338 0.26 10.42 -10.83
C HIS A 338 -0.63 9.44 -11.56
N ALA A 339 -1.93 9.40 -11.23
CA ALA A 339 -2.87 8.48 -11.90
C ALA A 339 -2.83 8.68 -13.41
N GLY A 340 -2.81 9.95 -13.86
CA GLY A 340 -2.71 10.23 -15.29
C GLY A 340 -1.36 9.76 -15.84
N ASN A 341 -0.29 9.99 -15.10
CA ASN A 341 1.05 9.63 -15.57
C ASN A 341 1.24 8.14 -15.73
N ILE A 342 0.51 7.35 -14.97
CA ILE A 342 0.71 5.88 -15.01
C ILE A 342 -0.39 5.21 -15.88
N GLY A 343 -1.30 5.99 -16.42
CA GLY A 343 -2.30 5.44 -17.35
C GLY A 343 -3.57 4.93 -16.72
N ASN A 344 -3.83 5.30 -15.44
CA ASN A 344 -5.12 4.94 -14.86
C ASN A 344 -6.27 5.67 -15.55
N ILE A 345 -7.51 5.24 -15.34
CA ILE A 345 -8.69 5.94 -15.86
C ILE A 345 -8.70 7.33 -15.24
N THR A 346 -8.85 8.34 -16.04
CA THR A 346 -9.01 9.70 -15.55
C THR A 346 -10.27 10.31 -16.16
N HIS A 347 -10.88 11.22 -15.42
CA HIS A 347 -12.13 11.88 -15.82
C HIS A 347 -11.97 13.32 -16.23
N ILE A 348 -10.87 13.99 -15.82
CA ILE A 348 -10.78 15.40 -16.18
C ILE A 348 -9.35 15.92 -16.30
N GLY A 349 -8.39 15.29 -15.63
CA GLY A 349 -7.00 15.72 -15.84
C GLY A 349 -6.42 16.51 -14.70
N ALA A 350 -5.09 16.44 -14.62
CA ALA A 350 -4.35 17.03 -13.52
C ALA A 350 -4.45 18.55 -13.54
N HIS A 351 -4.26 19.20 -14.69
CA HIS A 351 -4.25 20.65 -14.71
C HIS A 351 -5.56 21.20 -14.05
N TYR A 352 -6.69 20.62 -14.46
CA TYR A 352 -7.96 20.98 -13.88
C TYR A 352 -7.91 20.89 -12.34
N TYR A 353 -7.38 19.76 -11.82
CA TYR A 353 -7.34 19.58 -10.35
C TYR A 353 -6.48 20.63 -9.65
N TRP A 354 -5.32 21.00 -10.24
CA TRP A 354 -4.51 22.05 -9.61
C TRP A 354 -5.24 23.37 -9.63
N GLU A 355 -6.06 23.67 -10.67
CA GLU A 355 -6.89 24.87 -10.68
C GLU A 355 -8.11 24.76 -9.74
N ALA A 356 -8.59 23.55 -9.49
CA ALA A 356 -9.87 23.35 -8.83
C ALA A 356 -9.81 23.48 -7.29
N TYR A 357 -8.88 22.72 -6.67
CA TYR A 357 -8.87 22.61 -5.21
C TYR A 357 -8.25 23.82 -4.56
N HIS A 358 -8.85 24.25 -3.46
CA HIS A 358 -8.36 25.40 -2.70
C HIS A 358 -8.42 25.13 -1.23
N VAL A 359 -7.56 25.88 -0.50
CA VAL A 359 -7.69 26.02 0.93
C VAL A 359 -8.36 27.38 1.22
N LEU A 360 -9.43 27.34 2.00
CA LEU A 360 -10.06 28.53 2.61
C LEU A 360 -9.80 28.43 4.12
N GLY A 361 -9.50 29.57 4.75
CA GLY A 361 -8.98 29.52 6.10
C GLY A 361 -7.47 29.29 6.07
N ASP A 362 -6.88 28.82 7.17
CA ASP A 362 -5.43 28.87 7.32
C ASP A 362 -4.76 27.56 6.94
N GLY A 363 -4.18 27.56 5.76
CA GLY A 363 -3.48 26.40 5.23
C GLY A 363 -2.14 26.10 5.86
N SER A 364 -1.62 27.05 6.68
CA SER A 364 -0.33 26.85 7.36
C SER A 364 -0.46 26.11 8.67
N VAL A 365 -1.69 25.82 9.12
CA VAL A 365 -1.87 25.03 10.36
C VAL A 365 -1.32 23.63 10.12
N MET A 366 -0.72 23.06 11.15
CA MET A 366 -0.30 21.67 11.20
C MET A 366 -1.35 20.88 11.98
N PRO A 367 -2.24 20.15 11.33
CA PRO A 367 -3.28 19.46 12.09
C PRO A 367 -2.69 18.38 12.96
N TYR A 368 -3.27 18.25 14.17
CA TYR A 368 -2.93 17.13 15.05
C TYR A 368 -3.51 15.83 14.45
N ARG A 369 -2.99 14.70 14.90
CA ARG A 369 -3.46 13.39 14.48
C ARG A 369 -3.81 12.65 15.75
N ALA A 370 -5.08 12.73 16.12
CA ALA A 370 -5.60 12.29 17.44
C ALA A 370 -4.93 13.18 18.53
N MET A 371 -4.74 12.67 19.76
CA MET A 371 -4.22 13.56 20.81
C MET A 371 -2.76 13.88 20.56
N PRO A 372 -2.40 15.17 20.44
CA PRO A 372 -0.97 15.49 20.21
C PRO A 372 -0.13 15.17 21.45
N LYS A 373 1.14 14.89 21.21
CA LYS A 373 2.09 14.52 22.24
C LYS A 373 2.59 15.72 23.00
N THR A 374 3.15 15.47 24.19
CA THR A 374 3.77 16.50 24.99
C THR A 374 5.26 16.51 24.65
N ASN A 375 5.79 17.67 24.31
CA ASN A 375 7.16 17.75 23.86
C ASN A 375 8.13 17.75 25.06
N THR A 376 9.41 17.55 24.77
CA THR A 376 10.50 17.63 25.74
C THR A 376 11.39 18.77 25.30
N TYR A 377 11.95 19.51 26.26
CA TYR A 377 12.81 20.65 25.91
C TYR A 377 13.57 21.07 27.13
N THR A 378 14.64 21.81 26.87
CA THR A 378 15.43 22.49 27.91
C THR A 378 15.73 23.88 27.39
N LEU A 379 15.34 24.88 28.17
CA LEU A 379 15.68 26.25 27.84
C LEU A 379 16.94 26.66 28.60
N PRO A 380 17.80 27.48 28.00
CA PRO A 380 18.93 28.03 28.77
C PRO A 380 18.43 29.00 29.83
N ALA A 381 19.21 29.18 30.92
CA ALA A 381 18.82 30.13 31.97
C ALA A 381 18.86 31.56 31.49
N SER A 382 19.72 31.86 30.49
CA SER A 382 19.78 33.20 29.97
C SER A 382 20.08 33.19 28.48
N LEU A 383 19.97 34.34 27.87
CA LEU A 383 20.29 34.57 26.48
C LEU A 383 21.29 35.72 26.47
N PRO A 384 22.62 35.43 26.50
CA PRO A 384 23.60 36.54 26.47
C PRO A 384 23.39 37.44 25.25
N GLN A 385 23.55 38.73 25.41
CA GLN A 385 23.32 39.67 24.31
C GLN A 385 24.39 39.59 23.26
N ASN A 386 24.06 39.99 22.02
CA ASN A 386 24.99 40.12 20.91
C ASN A 386 25.60 38.79 20.49
N GLN A 387 24.75 37.74 20.45
CA GLN A 387 25.18 36.41 20.01
C GLN A 387 24.55 36.06 18.67
N ALA A 388 25.30 35.44 17.78
CA ALA A 388 24.83 35.04 16.46
C ALA A 388 23.88 33.84 16.56
N SER A 389 23.98 33.06 17.62
CA SER A 389 23.09 31.90 17.78
C SER A 389 23.02 31.52 19.20
N TYR A 390 22.01 30.69 19.54
CA TYR A 390 21.86 30.06 20.84
C TYR A 390 21.50 28.61 20.66
N SER A 391 21.93 27.74 21.55
CA SER A 391 21.48 26.34 21.55
C SER A 391 20.30 26.23 22.48
N ILE A 392 19.24 25.53 22.00
CA ILE A 392 18.04 25.25 22.74
C ILE A 392 17.75 23.77 22.50
N GLN A 393 17.48 22.99 23.54
CA GLN A 393 17.24 21.58 23.29
CA GLN A 393 17.24 21.55 23.42
C GLN A 393 15.74 21.31 23.25
N ALA A 394 15.37 20.41 22.32
CA ALA A 394 13.98 20.01 22.12
C ALA A 394 13.97 18.72 21.35
N SER A 395 12.85 18.01 21.38
CA SER A 395 12.84 16.74 20.65
C SER A 395 13.21 16.93 19.19
N ALA A 396 13.90 15.93 18.63
CA ALA A 396 14.36 15.99 17.25
C ALA A 396 13.23 16.41 16.29
N GLY A 397 13.53 17.40 15.46
CA GLY A 397 12.57 17.89 14.50
C GLY A 397 11.76 19.07 14.96
N SER A 398 11.81 19.40 16.28
CA SER A 398 11.08 20.56 16.74
C SER A 398 11.64 21.84 16.19
N TYR A 399 10.77 22.82 15.99
CA TYR A 399 11.14 24.15 15.45
C TYR A 399 11.06 25.16 16.59
N VAL A 400 12.20 25.84 16.81
CA VAL A 400 12.34 26.78 17.92
C VAL A 400 12.42 28.19 17.38
N ALA A 401 11.68 29.11 18.00
CA ALA A 401 11.66 30.51 17.55
C ALA A 401 11.81 31.40 18.73
N ILE A 402 12.68 32.43 18.61
CA ILE A 402 12.88 33.46 19.61
C ILE A 402 12.34 34.77 19.04
N SER A 403 11.48 35.46 19.79
CA SER A 403 10.85 36.69 19.32
C SER A 403 10.63 37.63 20.49
N LYS A 404 10.22 38.87 20.17
CA LYS A 404 9.78 39.83 21.17
C LYS A 404 8.87 40.84 20.51
N ASP A 405 7.73 41.13 21.15
CA ASP A 405 6.75 42.10 20.63
C ASP A 405 6.26 41.72 19.23
N GLY A 406 6.18 40.41 18.91
CA GLY A 406 5.71 39.99 17.59
C GLY A 406 6.73 40.14 16.49
N VAL A 407 8.00 40.44 16.87
CA VAL A 407 9.08 40.51 15.90
C VAL A 407 9.94 39.26 16.07
N LEU A 408 10.14 38.51 14.99
CA LEU A 408 10.92 37.29 15.05
C LEU A 408 12.40 37.65 15.01
N TYR A 409 13.19 37.06 15.94
CA TYR A 409 14.63 37.33 16.00
C TYR A 409 15.45 36.16 15.51
N GLY A 410 14.97 34.90 15.67
CA GLY A 410 15.78 33.79 15.24
C GLY A 410 15.00 32.49 15.29
N THR A 411 15.46 31.52 14.51
CA THR A 411 14.84 30.20 14.45
C THR A 411 15.88 29.11 14.33
N GLY A 412 15.51 27.88 14.70
CA GLY A 412 16.33 26.72 14.44
C GLY A 412 15.51 25.47 14.58
N VAL A 413 15.96 24.41 13.91
CA VAL A 413 15.32 23.08 14.00
C VAL A 413 16.18 22.17 14.85
N ALA A 414 15.60 21.51 15.83
CA ALA A 414 16.37 20.54 16.63
C ALA A 414 16.84 19.38 15.73
N ASN A 415 18.12 19.09 15.81
CA ASN A 415 18.72 18.02 15.03
C ASN A 415 18.37 16.64 15.63
N ALA A 416 18.95 15.56 15.05
CA ALA A 416 18.59 14.20 15.48
C ALA A 416 18.97 13.93 16.96
N SER A 417 19.91 14.73 17.52
CA SER A 417 20.31 14.60 18.92
C SER A 417 19.55 15.55 19.83
N GLY A 418 18.55 16.26 19.28
CA GLY A 418 17.72 17.15 20.07
C GLY A 418 18.30 18.53 20.34
N VAL A 419 19.26 18.99 19.50
CA VAL A 419 19.86 20.29 19.68
C VAL A 419 19.45 21.18 18.58
N ALA A 420 18.77 22.29 18.91
CA ALA A 420 18.44 23.34 17.95
C ALA A 420 19.46 24.46 18.08
N THR A 421 20.10 24.81 16.96
CA THR A 421 21.00 25.96 16.94
C THR A 421 20.14 27.08 16.32
N VAL A 422 19.68 27.97 17.19
CA VAL A 422 18.78 29.06 16.80
C VAL A 422 19.62 30.18 16.21
N SER A 423 19.51 30.40 14.93
CA SER A 423 20.29 31.41 14.20
C SER A 423 19.58 32.73 14.35
N MET A 424 20.31 33.71 14.90
CA MET A 424 19.73 35.01 15.20
C MET A 424 19.88 35.96 14.05
N THR A 425 18.82 36.11 13.23
CA THR A 425 18.83 37.05 12.12
C THR A 425 18.73 38.48 12.63
N LYS A 426 18.18 38.64 13.83
CA LYS A 426 18.19 39.89 14.60
C LYS A 426 18.80 39.54 15.92
N GLN A 427 19.96 40.14 16.26
CA GLN A 427 20.57 39.80 17.53
C GLN A 427 19.86 40.51 18.68
N ILE A 428 19.99 39.92 19.89
CA ILE A 428 19.43 40.54 21.10
C ILE A 428 20.42 41.60 21.60
N THR A 429 19.99 42.83 21.58
CA THR A 429 20.87 43.95 22.01
C THR A 429 20.24 44.76 23.12
N GLU A 430 19.01 44.40 23.55
CA GLU A 430 18.26 45.16 24.53
C GLU A 430 17.68 44.24 25.60
N ASN A 431 17.53 44.76 26.81
CA ASN A 431 16.90 43.99 27.88
C ASN A 431 15.40 43.82 27.61
N GLY A 432 14.83 42.73 28.09
CA GLY A 432 13.41 42.48 27.92
C GLY A 432 13.05 41.04 28.15
N ASN A 433 11.76 40.74 28.05
CA ASN A 433 11.23 39.39 28.20
CA ASN A 433 11.29 39.36 28.20
C ASN A 433 11.06 38.82 26.79
N TYR A 434 11.93 37.85 26.41
CA TYR A 434 11.84 37.29 25.05
C TYR A 434 10.99 36.05 25.00
N ASP A 435 10.16 35.94 23.97
CA ASP A 435 9.31 34.77 23.81
C ASP A 435 10.10 33.65 23.15
N VAL A 436 9.88 32.44 23.60
CA VAL A 436 10.48 31.25 23.04
C VAL A 436 9.35 30.31 22.76
N VAL A 437 9.17 29.91 21.51
CA VAL A 437 8.08 29.01 21.08
C VAL A 437 8.70 27.82 20.44
N ILE A 438 8.21 26.63 20.82
CA ILE A 438 8.68 25.38 20.24
C ILE A 438 7.50 24.61 19.72
N THR A 439 7.54 24.27 18.44
CA THR A 439 6.41 23.53 17.82
C THR A 439 6.95 22.31 17.10
N ARG A 440 6.08 21.34 16.92
CA ARG A 440 6.41 20.15 16.17
C ARG A 440 5.11 19.52 15.73
N SER A 441 5.08 18.91 14.54
CA SER A 441 3.86 18.26 14.05
C SER A 441 3.35 17.22 15.06
N ASN A 442 2.07 17.31 15.40
CA ASN A 442 1.39 16.39 16.31
C ASN A 442 1.96 16.48 17.74
N TYR A 443 2.54 17.65 18.10
CA TYR A 443 2.91 17.94 19.48
C TYR A 443 2.23 19.20 19.93
N LEU A 444 1.89 19.25 21.22
CA LEU A 444 1.41 20.49 21.81
C LEU A 444 2.52 21.53 21.77
N PRO A 445 2.18 22.78 21.54
CA PRO A 445 3.23 23.84 21.51
C PRO A 445 3.77 24.12 22.91
N VAL A 446 5.01 24.59 22.95
CA VAL A 446 5.66 25.11 24.18
C VAL A 446 5.78 26.61 23.97
N ILE A 447 5.22 27.39 24.89
CA ILE A 447 5.21 28.86 24.77
C ILE A 447 5.73 29.42 26.09
N LYS A 448 6.96 29.89 26.07
CA LYS A 448 7.67 30.29 27.29
C LYS A 448 8.37 31.62 27.06
N GLN A 449 9.02 32.14 28.11
CA GLN A 449 9.76 33.39 27.99
C GLN A 449 11.07 33.24 28.71
N ILE A 450 12.07 33.99 28.22
CA ILE A 450 13.39 34.07 28.89
C ILE A 450 13.70 35.55 29.12
N GLN A 451 14.03 35.92 30.36
CA GLN A 451 14.34 37.31 30.71
CA GLN A 451 14.34 37.31 30.71
C GLN A 451 15.80 37.65 30.43
N VAL A 452 16.01 38.77 29.71
CA VAL A 452 17.32 39.32 29.37
C VAL A 452 17.47 40.65 30.14
N GLY A 453 18.53 40.77 30.93
CA GLY A 453 18.81 41.97 31.71
C GLY A 453 17.94 42.12 32.94
N ASP B 1 -0.73 -44.26 7.90
CA ASP B 1 -0.84 -44.38 6.45
C ASP B 1 0.19 -43.45 5.79
N VAL B 2 0.15 -43.36 4.46
CA VAL B 2 1.16 -42.55 3.76
C VAL B 2 1.04 -41.06 4.19
N TYR B 3 -0.17 -40.58 4.55
CA TYR B 3 -0.35 -39.19 4.95
C TYR B 3 0.35 -38.90 6.23
N THR B 4 0.39 -39.87 7.16
CA THR B 4 1.06 -39.61 8.44
C THR B 4 2.56 -39.86 8.26
N ASP B 5 2.96 -40.79 7.38
CA ASP B 5 4.39 -41.07 7.17
C ASP B 5 5.09 -39.95 6.45
N HIS B 6 4.37 -39.27 5.52
CA HIS B 6 4.99 -38.29 4.64
C HIS B 6 4.10 -37.06 4.49
N GLY B 7 3.93 -36.34 5.59
CA GLY B 7 3.10 -35.14 5.54
C GLY B 7 3.80 -33.91 4.96
N ASP B 8 3.09 -32.81 5.02
CA ASP B 8 3.55 -31.50 4.50
C ASP B 8 4.97 -31.23 5.02
N LEU B 9 5.89 -30.90 4.12
CA LEU B 9 7.28 -30.63 4.50
C LEU B 9 7.48 -29.22 5.05
N TYR B 10 6.51 -28.32 4.93
CA TYR B 10 6.70 -26.94 5.40
C TYR B 10 7.09 -26.96 6.88
N ASN B 11 8.05 -26.12 7.24
CA ASN B 11 8.49 -25.99 8.63
C ASN B 11 9.14 -24.63 8.76
N THR B 12 9.28 -24.19 10.00
CA THR B 12 9.90 -22.91 10.32
C THR B 12 11.02 -23.11 11.31
N PRO B 13 12.04 -22.23 11.30
CA PRO B 13 12.26 -21.18 10.29
C PRO B 13 12.36 -21.79 8.90
N VAL B 14 11.85 -21.08 7.92
CA VAL B 14 11.91 -21.60 6.56
C VAL B 14 13.36 -21.55 6.07
N ARG B 15 13.85 -22.65 5.47
CA ARG B 15 15.20 -22.73 4.94
C ARG B 15 15.09 -23.17 3.51
N MET B 16 15.83 -22.51 2.63
CA MET B 16 15.78 -22.82 1.21
CA MET B 16 15.77 -22.82 1.20
C MET B 16 17.18 -22.91 0.63
N LEU B 17 17.44 -24.01 -0.03
CA LEU B 17 18.68 -24.23 -0.79
C LEU B 17 18.41 -23.87 -2.21
N VAL B 18 19.20 -22.96 -2.78
CA VAL B 18 19.05 -22.54 -4.17
C VAL B 18 20.23 -23.00 -4.95
N VAL B 19 20.00 -23.70 -6.05
CA VAL B 19 21.07 -24.09 -7.00
C VAL B 19 20.68 -23.45 -8.32
N ALA B 20 21.54 -22.56 -8.81
CA ALA B 20 21.19 -21.75 -9.98
C ALA B 20 22.26 -21.78 -11.03
N GLY B 21 21.83 -21.72 -12.28
CA GLY B 21 22.80 -21.49 -13.34
C GLY B 21 23.53 -20.19 -13.07
N ALA B 22 24.83 -20.20 -13.40
CA ALA B 22 25.69 -19.08 -13.14
C ALA B 22 25.28 -17.80 -13.85
N LYS B 23 24.56 -17.91 -14.98
CA LYS B 23 24.14 -16.71 -15.69
C LYS B 23 23.09 -15.89 -14.99
N PHE B 24 22.45 -16.46 -13.94
CA PHE B 24 21.29 -15.84 -13.30
C PHE B 24 21.57 -15.03 -12.09
N LYS B 25 22.85 -14.80 -11.76
CA LYS B 25 23.16 -14.11 -10.49
C LYS B 25 22.47 -12.76 -10.35
N GLU B 26 22.58 -11.91 -11.39
CA GLU B 26 21.99 -10.58 -11.30
CA GLU B 26 22.00 -10.58 -11.31
C GLU B 26 20.46 -10.64 -11.28
N ALA B 27 19.89 -11.39 -12.19
CA ALA B 27 18.43 -11.44 -12.29
C ALA B 27 17.77 -12.04 -11.05
N LEU B 28 18.48 -12.95 -10.38
CA LEU B 28 17.89 -13.62 -9.23
CA LEU B 28 17.93 -13.61 -9.19
C LEU B 28 17.84 -12.72 -7.98
N LYS B 29 18.68 -11.67 -7.91
CA LYS B 29 18.82 -10.82 -6.73
CA LYS B 29 18.79 -10.87 -6.70
C LYS B 29 17.47 -10.35 -6.15
N PRO B 30 16.56 -9.75 -6.92
CA PRO B 30 15.32 -9.24 -6.30
C PRO B 30 14.47 -10.33 -5.67
N TRP B 31 14.52 -11.54 -6.23
CA TRP B 31 13.75 -12.67 -5.67
C TRP B 31 14.37 -13.11 -4.37
N LEU B 32 15.73 -13.23 -4.35
CA LEU B 32 16.42 -13.62 -3.12
C LEU B 32 16.22 -12.57 -2.01
N THR B 33 16.23 -11.26 -2.40
CA THR B 33 16.02 -10.19 -1.41
C THR B 33 14.65 -10.35 -0.75
N TRP B 34 13.60 -10.56 -1.54
CA TRP B 34 12.25 -10.73 -0.98
C TRP B 34 12.11 -11.99 -0.18
N LYS B 35 12.65 -13.11 -0.66
CA LYS B 35 12.54 -14.35 0.14
C LYS B 35 13.24 -14.18 1.50
N ALA B 36 14.39 -13.50 1.54
CA ALA B 36 15.02 -13.23 2.86
C ALA B 36 14.11 -12.31 3.69
N GLN B 37 13.56 -11.27 3.06
CA GLN B 37 12.70 -10.31 3.81
C GLN B 37 11.51 -10.99 4.43
N LYS B 38 10.93 -11.99 3.74
CA LYS B 38 9.76 -12.68 4.29
C LYS B 38 10.15 -13.85 5.22
N GLY B 39 11.43 -14.04 5.52
CA GLY B 39 11.86 -14.98 6.54
C GLY B 39 12.41 -16.27 6.06
N PHE B 40 12.89 -16.32 4.79
CA PHE B 40 13.58 -17.55 4.37
C PHE B 40 15.07 -17.41 4.61
N TYR B 41 15.67 -18.39 5.28
CA TYR B 41 17.12 -18.52 5.40
C TYR B 41 17.62 -19.19 4.13
N LEU B 42 18.33 -18.43 3.29
CA LEU B 42 18.74 -18.88 1.98
C LEU B 42 20.15 -19.37 1.98
N ASP B 43 20.41 -20.44 1.25
CA ASP B 43 21.75 -20.95 1.02
C ASP B 43 21.87 -21.00 -0.50
N VAL B 44 22.57 -20.07 -1.11
CA VAL B 44 22.53 -19.86 -2.55
C VAL B 44 23.82 -20.25 -3.20
N HIS B 45 23.73 -21.11 -4.21
CA HIS B 45 24.90 -21.63 -4.92
C HIS B 45 24.68 -21.64 -6.42
N TYR B 46 25.76 -21.46 -7.17
CA TYR B 46 25.72 -21.39 -8.60
C TYR B 46 26.53 -22.48 -9.25
N THR B 47 26.21 -22.79 -10.51
CA THR B 47 26.87 -23.85 -11.29
C THR B 47 28.28 -23.47 -11.75
N ASP B 48 28.80 -22.33 -11.34
CA ASP B 48 30.22 -22.00 -11.59
C ASP B 48 31.03 -22.21 -10.29
N GLU B 49 30.47 -22.88 -9.29
CA GLU B 49 31.23 -23.21 -8.05
C GLU B 49 31.81 -24.60 -8.18
N ALA B 50 33.06 -24.78 -7.76
CA ALA B 50 33.71 -26.10 -7.85
C ALA B 50 32.91 -27.19 -7.12
N GLU B 51 32.34 -26.88 -5.94
CA GLU B 51 31.61 -27.87 -5.13
C GLU B 51 30.36 -28.32 -5.84
N VAL B 52 29.74 -27.45 -6.62
CA VAL B 52 28.48 -27.77 -7.31
C VAL B 52 28.72 -28.53 -8.60
N GLY B 53 29.70 -28.09 -9.38
CA GLY B 53 29.95 -28.69 -10.69
C GLY B 53 28.84 -28.34 -11.66
N THR B 54 28.81 -29.06 -12.80
CA THR B 54 27.91 -28.75 -13.89
C THR B 54 27.11 -29.94 -14.38
N THR B 55 27.32 -31.11 -13.78
CA THR B 55 26.66 -32.32 -14.26
C THR B 55 25.55 -32.74 -13.33
N ASN B 56 24.69 -33.64 -13.81
CA ASN B 56 23.63 -34.16 -12.95
C ASN B 56 24.26 -34.80 -11.72
N ALA B 57 25.33 -35.61 -11.90
CA ALA B 57 25.94 -36.30 -10.78
C ALA B 57 26.51 -35.33 -9.76
N SER B 58 27.22 -34.31 -10.21
CA SER B 58 27.88 -33.39 -9.28
C SER B 58 26.84 -32.53 -8.55
N ILE B 59 25.84 -32.06 -9.29
CA ILE B 59 24.79 -31.21 -8.68
C ILE B 59 24.00 -32.01 -7.66
N LYS B 60 23.63 -33.23 -8.04
CA LYS B 60 22.90 -34.10 -7.11
C LYS B 60 23.75 -34.39 -5.86
N ALA B 61 25.05 -34.73 -6.00
CA ALA B 61 25.87 -35.03 -4.84
C ALA B 61 25.93 -33.79 -3.94
N PHE B 62 26.06 -32.59 -4.54
CA PHE B 62 26.13 -31.36 -3.77
C PHE B 62 24.86 -31.13 -2.96
N ILE B 63 23.71 -31.29 -3.61
CA ILE B 63 22.42 -31.10 -2.94
C ILE B 63 22.21 -32.08 -1.84
N HIS B 64 22.49 -33.38 -2.11
CA HIS B 64 22.28 -34.39 -1.07
C HIS B 64 23.17 -34.11 0.16
N LYS B 65 24.45 -33.68 -0.10
CA LYS B 65 25.33 -33.37 1.03
C LYS B 65 24.80 -32.14 1.80
N LYS B 66 24.32 -31.12 1.10
CA LYS B 66 23.76 -29.97 1.80
C LYS B 66 22.56 -30.40 2.66
N TYR B 67 21.69 -31.28 2.13
CA TYR B 67 20.54 -31.74 2.90
C TYR B 67 21.02 -32.48 4.14
N ASN B 68 21.90 -33.47 3.95
CA ASN B 68 22.35 -34.30 5.07
C ASN B 68 23.10 -33.50 6.11
N ASP B 69 23.93 -32.56 5.67
CA ASP B 69 24.67 -31.71 6.63
C ASP B 69 23.70 -30.80 7.37
N GLY B 70 22.69 -30.25 6.69
CA GLY B 70 21.71 -29.39 7.36
C GLY B 70 20.93 -30.22 8.36
N LEU B 71 20.46 -31.43 7.96
CA LEU B 71 19.72 -32.29 8.90
C LEU B 71 20.54 -32.60 10.16
N ALA B 72 21.85 -32.87 10.00
CA ALA B 72 22.68 -33.18 11.17
C ALA B 72 22.80 -31.99 12.09
N ALA B 73 22.70 -30.76 11.53
CA ALA B 73 22.78 -29.51 12.29
C ALA B 73 21.41 -29.01 12.72
N SER B 74 20.36 -29.84 12.69
CA SER B 74 18.97 -29.46 13.05
C SER B 74 18.52 -28.26 12.23
N ALA B 75 18.89 -28.26 10.95
CA ALA B 75 18.61 -27.13 10.05
C ALA B 75 18.47 -27.63 8.63
N ALA B 76 17.66 -28.65 8.44
CA ALA B 76 17.49 -29.17 7.09
C ALA B 76 16.83 -28.15 6.16
N PRO B 77 17.24 -28.06 4.90
CA PRO B 77 16.46 -27.25 3.96
C PRO B 77 15.02 -27.77 3.87
N VAL B 78 14.07 -26.84 3.75
CA VAL B 78 12.64 -27.13 3.50
C VAL B 78 12.40 -27.17 2.00
N PHE B 79 12.89 -26.13 1.30
CA PHE B 79 12.77 -25.99 -0.15
C PHE B 79 14.09 -26.18 -0.83
N LEU B 80 14.00 -26.68 -2.07
CA LEU B 80 15.08 -26.75 -3.03
C LEU B 80 14.60 -25.99 -4.27
N ALA B 81 15.24 -24.86 -4.58
CA ALA B 81 14.93 -24.06 -5.74
C ALA B 81 16.00 -24.34 -6.80
N LEU B 82 15.58 -24.87 -7.95
CA LEU B 82 16.47 -25.09 -9.09
C LEU B 82 16.23 -23.94 -10.06
N VAL B 83 17.27 -23.20 -10.45
CA VAL B 83 17.09 -22.05 -11.32
C VAL B 83 17.85 -22.28 -12.61
N GLY B 84 17.08 -22.41 -13.69
CA GLY B 84 17.64 -22.68 -15.01
C GLY B 84 16.97 -23.85 -15.67
N ASP B 85 17.21 -23.94 -16.97
CA ASP B 85 16.71 -25.02 -17.79
C ASP B 85 17.67 -26.18 -17.79
N THR B 86 17.39 -27.19 -18.62
CA THR B 86 18.17 -28.43 -18.62
C THR B 86 19.55 -28.27 -19.22
N ASP B 87 19.84 -27.15 -19.90
CA ASP B 87 21.18 -26.86 -20.37
C ASP B 87 22.11 -26.60 -19.19
N VAL B 88 21.61 -26.21 -18.00
CA VAL B 88 22.49 -25.96 -16.87
C VAL B 88 22.22 -26.88 -15.67
N ILE B 89 20.97 -27.36 -15.50
CA ILE B 89 20.62 -28.36 -14.45
C ILE B 89 19.81 -29.42 -15.16
N SER B 90 20.44 -30.53 -15.52
CA SER B 90 19.82 -31.43 -16.51
C SER B 90 18.59 -32.19 -16.08
N GLY B 91 18.47 -32.51 -14.78
CA GLY B 91 17.56 -33.56 -14.39
C GLY B 91 18.11 -34.91 -14.85
N GLU B 92 17.31 -35.95 -14.72
CA GLU B 92 17.69 -37.28 -15.22
C GLU B 92 16.43 -38.03 -15.61
N LYS B 93 16.59 -39.15 -16.32
CA LYS B 93 15.42 -39.89 -16.76
CA LYS B 93 15.41 -39.87 -16.77
C LYS B 93 14.82 -40.69 -15.61
N GLY B 94 13.52 -40.60 -15.45
CA GLY B 94 12.84 -41.37 -14.41
C GLY B 94 13.03 -42.86 -14.63
N LYS B 95 13.17 -43.62 -13.52
CA LYS B 95 13.27 -45.08 -13.59
C LYS B 95 11.96 -45.67 -14.08
N LYS B 96 10.82 -45.04 -13.71
CA LYS B 96 9.50 -45.50 -14.17
C LYS B 96 9.00 -44.70 -15.33
N THR B 97 9.21 -43.38 -15.32
CA THR B 97 8.61 -42.53 -16.36
C THR B 97 9.39 -42.60 -17.65
N LYS B 98 10.73 -42.83 -17.59
CA LYS B 98 11.60 -42.78 -18.79
C LYS B 98 11.58 -41.38 -19.40
N LYS B 99 11.20 -40.36 -18.59
CA LYS B 99 11.19 -38.95 -19.06
C LYS B 99 11.91 -38.14 -18.00
N VAL B 100 12.28 -36.92 -18.35
CA VAL B 100 13.04 -36.10 -17.41
C VAL B 100 12.31 -35.92 -16.08
N THR B 101 13.09 -35.92 -15.00
CA THR B 101 12.57 -35.63 -13.68
C THR B 101 13.62 -34.89 -12.87
N ASP B 102 13.13 -34.11 -11.93
CA ASP B 102 13.94 -33.47 -10.88
C ASP B 102 13.82 -34.21 -9.56
N LEU B 103 13.07 -35.33 -9.51
CA LEU B 103 12.86 -36.02 -8.24
C LEU B 103 14.15 -36.38 -7.52
N TYR B 104 15.13 -36.84 -8.28
CA TYR B 104 16.32 -37.42 -7.62
C TYR B 104 17.26 -36.36 -7.07
N TYR B 105 17.04 -35.10 -7.39
CA TYR B 105 17.76 -34.04 -6.66
C TYR B 105 17.20 -33.95 -5.24
N SER B 106 15.87 -34.17 -5.10
CA SER B 106 15.10 -33.95 -3.85
C SER B 106 15.07 -35.21 -2.99
N ALA B 107 15.18 -36.38 -3.62
CA ALA B 107 15.03 -37.68 -2.93
C ALA B 107 16.40 -38.13 -2.47
N VAL B 108 16.70 -37.86 -1.23
CA VAL B 108 18.09 -38.07 -0.68
C VAL B 108 18.28 -39.47 -0.13
N ASP B 109 17.34 -39.94 0.70
CA ASP B 109 17.45 -41.27 1.26
C ASP B 109 16.83 -42.27 0.27
N GLY B 110 16.86 -43.56 0.58
N GLY B 110 16.72 -43.50 0.77
CA GLY B 110 16.53 -44.58 -0.41
CA GLY B 110 16.32 -44.69 0.06
C GLY B 110 15.19 -44.66 -1.12
C GLY B 110 14.85 -44.93 -0.17
N ASP B 111 14.16 -43.95 -0.65
CA ASP B 111 12.79 -44.10 -1.16
C ASP B 111 12.52 -43.03 -2.24
N TYR B 112 11.29 -42.99 -2.74
CA TYR B 112 10.97 -42.01 -3.78
C TYR B 112 10.23 -40.80 -3.22
N PHE B 113 10.18 -40.64 -1.89
CA PHE B 113 9.58 -39.44 -1.33
C PHE B 113 10.65 -38.35 -1.18
N PRO B 114 10.41 -37.16 -1.69
CA PRO B 114 11.41 -36.09 -1.53
C PRO B 114 11.64 -35.73 -0.07
N GLU B 115 12.90 -35.30 0.19
CA GLU B 115 13.27 -34.71 1.48
C GLU B 115 13.00 -33.21 1.51
N MET B 116 12.83 -32.56 0.34
CA MET B 116 12.67 -31.12 0.20
C MET B 116 11.61 -30.86 -0.83
N TYR B 117 10.84 -29.79 -0.65
CA TYR B 117 9.91 -29.30 -1.69
C TYR B 117 10.73 -28.66 -2.79
N THR B 118 10.67 -29.24 -3.99
CA THR B 118 11.53 -28.84 -5.10
C THR B 118 10.72 -28.22 -6.18
N PHE B 119 11.25 -27.12 -6.75
CA PHE B 119 10.60 -26.46 -7.90
C PHE B 119 11.69 -25.95 -8.80
N ARG B 120 11.34 -25.69 -10.05
CA ARG B 120 12.30 -25.25 -11.04
C ARG B 120 11.82 -23.95 -11.66
N MET B 121 12.63 -22.90 -11.50
CA MET B 121 12.45 -21.61 -12.16
CA MET B 121 12.35 -21.64 -12.22
C MET B 121 13.17 -21.76 -13.50
N SER B 122 12.51 -22.34 -14.50
CA SER B 122 13.19 -22.66 -15.75
C SER B 122 13.15 -21.46 -16.66
N ALA B 123 14.33 -21.00 -17.06
CA ALA B 123 14.48 -19.80 -17.91
C ALA B 123 15.61 -20.03 -18.87
N SER B 124 15.48 -19.45 -20.08
CA SER B 124 16.56 -19.55 -21.07
C SER B 124 17.37 -18.28 -21.14
N SER B 125 17.01 -17.25 -20.42
CA SER B 125 17.75 -16.00 -20.38
C SER B 125 17.51 -15.34 -19.02
N PRO B 126 18.38 -14.43 -18.60
CA PRO B 126 18.09 -13.67 -17.39
C PRO B 126 16.77 -12.90 -17.49
N GLU B 127 16.40 -12.39 -18.67
CA GLU B 127 15.17 -11.63 -18.88
C GLU B 127 13.95 -12.51 -18.59
N GLU B 128 14.00 -13.77 -19.04
CA GLU B 128 12.87 -14.66 -18.73
C GLU B 128 12.80 -14.97 -17.23
N LEU B 129 13.92 -15.09 -16.56
CA LEU B 129 13.87 -15.33 -15.12
C LEU B 129 13.24 -14.09 -14.44
N THR B 130 13.65 -12.87 -14.85
CA THR B 130 13.03 -11.65 -14.32
C THR B 130 11.50 -11.65 -14.57
N ASN B 131 11.04 -12.16 -15.73
CA ASN B 131 9.60 -12.22 -15.98
C ASN B 131 8.89 -13.05 -14.90
N ILE B 132 9.48 -14.20 -14.57
CA ILE B 132 8.87 -15.06 -13.53
C ILE B 132 8.85 -14.32 -12.20
N ILE B 133 10.03 -13.79 -11.84
CA ILE B 133 10.21 -13.14 -10.53
C ILE B 133 9.25 -11.98 -10.38
N ASP B 134 9.07 -11.15 -11.42
CA ASP B 134 8.19 -9.99 -11.29
C ASP B 134 6.75 -10.41 -10.99
N LYS B 135 6.31 -11.54 -11.57
CA LYS B 135 4.94 -12.02 -11.30
C LYS B 135 4.86 -12.52 -9.86
N VAL B 136 5.87 -13.26 -9.40
CA VAL B 136 5.89 -13.77 -8.03
C VAL B 136 5.84 -12.61 -7.02
N LEU B 137 6.68 -11.59 -7.25
CA LEU B 137 6.75 -10.46 -6.33
CA LEU B 137 6.74 -10.51 -6.28
C LEU B 137 5.44 -9.73 -6.24
N MET B 138 4.80 -9.48 -7.40
CA MET B 138 3.55 -8.77 -7.33
C MET B 138 2.48 -9.60 -6.59
N TYR B 139 2.47 -10.93 -6.84
CA TYR B 139 1.48 -11.78 -6.21
C TYR B 139 1.71 -11.82 -4.68
N GLU B 140 2.96 -12.12 -4.27
CA GLU B 140 3.29 -12.32 -2.83
C GLU B 140 3.27 -11.03 -2.03
N LYS B 141 3.69 -9.93 -2.65
CA LYS B 141 3.63 -8.65 -1.96
C LYS B 141 2.25 -8.00 -2.08
N ALA B 142 1.38 -8.62 -2.91
CA ALA B 142 0.01 -8.18 -3.15
C ALA B 142 -0.03 -6.70 -3.60
N THR B 143 0.81 -6.38 -4.58
CA THR B 143 0.86 -5.02 -5.13
C THR B 143 -0.01 -4.86 -6.35
N MET B 144 -0.77 -5.88 -6.72
CA MET B 144 -1.62 -5.77 -7.90
C MET B 144 -2.76 -4.75 -7.65
N PRO B 145 -3.09 -3.92 -8.62
CA PRO B 145 -4.15 -2.92 -8.36
C PRO B 145 -5.54 -3.52 -8.18
N ASP B 146 -5.86 -4.60 -8.92
CA ASP B 146 -7.21 -5.14 -8.91
C ASP B 146 -7.20 -6.53 -8.31
N LYS B 147 -7.48 -6.56 -7.03
CA LYS B 147 -7.49 -7.83 -6.29
CA LYS B 147 -7.50 -7.82 -6.26
C LYS B 147 -8.77 -8.65 -6.53
N SER B 148 -9.77 -8.09 -7.25
CA SER B 148 -11.00 -8.88 -7.49
C SER B 148 -10.71 -10.16 -8.28
N TYR B 149 -9.65 -10.17 -9.07
CA TYR B 149 -9.35 -11.38 -9.85
C TYR B 149 -9.01 -12.58 -8.94
N LEU B 150 -8.64 -12.31 -7.67
CA LEU B 150 -8.34 -13.36 -6.71
C LEU B 150 -9.60 -14.14 -6.35
N GLU B 151 -10.79 -13.55 -6.62
CA GLU B 151 -12.08 -14.17 -6.27
C GLU B 151 -12.63 -14.98 -7.41
N LYS B 152 -11.79 -15.30 -8.42
CA LYS B 152 -12.26 -15.97 -9.64
CA LYS B 152 -12.26 -15.97 -9.63
C LYS B 152 -11.33 -17.12 -9.98
N VAL B 153 -11.88 -18.19 -10.55
CA VAL B 153 -11.10 -19.35 -10.99
C VAL B 153 -11.65 -19.88 -12.29
N LEU B 154 -10.83 -20.67 -12.97
CA LEU B 154 -11.21 -21.35 -14.21
C LEU B 154 -10.98 -22.84 -14.03
N LEU B 155 -12.06 -23.64 -14.22
CA LEU B 155 -11.99 -25.09 -14.07
C LEU B 155 -12.52 -25.75 -15.34
N ILE B 156 -11.74 -26.63 -15.96
CA ILE B 156 -12.13 -27.23 -17.21
C ILE B 156 -11.97 -28.74 -17.17
N ALA B 157 -13.07 -29.46 -17.44
CA ALA B 157 -13.05 -30.88 -17.72
C ALA B 157 -13.00 -30.98 -19.23
N GLY B 158 -11.81 -31.19 -19.83
CA GLY B 158 -11.66 -31.20 -21.27
C GLY B 158 -12.21 -32.45 -21.94
N ALA B 159 -12.03 -32.51 -23.25
CA ALA B 159 -12.69 -33.53 -24.05
C ALA B 159 -12.04 -34.88 -23.91
N ASP B 160 -12.90 -35.89 -23.79
CA ASP B 160 -12.53 -37.30 -23.93
C ASP B 160 -13.82 -38.05 -23.99
N TYR B 161 -14.07 -38.80 -25.08
CA TYR B 161 -15.40 -39.39 -25.26
C TYR B 161 -15.87 -40.19 -24.08
N SER B 162 -15.01 -41.01 -23.48
CA SER B 162 -15.47 -41.80 -22.32
C SER B 162 -15.14 -41.19 -20.98
N TRP B 163 -13.94 -40.59 -20.85
CA TRP B 163 -13.47 -40.17 -19.52
C TRP B 163 -14.01 -38.80 -19.11
N ASN B 164 -14.46 -37.96 -20.04
CA ASN B 164 -14.99 -36.66 -19.60
C ASN B 164 -16.14 -36.83 -18.60
N SER B 165 -17.07 -37.76 -18.88
CA SER B 165 -18.20 -37.94 -17.97
C SER B 165 -17.82 -38.80 -16.79
N GLN B 166 -16.89 -39.76 -16.92
CA GLN B 166 -16.59 -40.70 -15.85
C GLN B 166 -15.69 -40.13 -14.78
N VAL B 167 -14.75 -39.23 -15.21
CA VAL B 167 -13.74 -38.69 -14.30
C VAL B 167 -13.62 -37.17 -14.43
N GLY B 168 -13.56 -36.61 -15.62
CA GLY B 168 -13.26 -35.16 -15.69
C GLY B 168 -14.32 -34.33 -15.01
N GLN B 169 -15.60 -34.54 -15.37
CA GLN B 169 -16.68 -33.78 -14.73
C GLN B 169 -16.79 -34.07 -13.25
N PRO B 170 -16.69 -35.33 -12.80
CA PRO B 170 -16.73 -35.55 -11.34
C PRO B 170 -15.60 -34.84 -10.61
N THR B 171 -14.39 -34.76 -11.20
CA THR B 171 -13.26 -34.06 -10.57
C THR B 171 -13.61 -32.59 -10.34
N ILE B 172 -14.02 -31.88 -11.42
CA ILE B 172 -14.31 -30.46 -11.31
C ILE B 172 -15.51 -30.20 -10.43
N LYS B 173 -16.52 -31.07 -10.54
CA LYS B 173 -17.73 -30.91 -9.69
C LYS B 173 -17.43 -31.11 -8.22
N TYR B 174 -16.47 -31.99 -7.88
CA TYR B 174 -16.02 -32.14 -6.46
C TYR B 174 -15.39 -30.83 -6.01
N GLY B 175 -14.47 -30.29 -6.81
CA GLY B 175 -13.84 -29.02 -6.44
C GLY B 175 -14.86 -27.92 -6.19
N MET B 176 -15.83 -27.80 -7.09
CA MET B 176 -16.85 -26.77 -6.95
C MET B 176 -17.77 -27.02 -5.77
N GLN B 177 -18.16 -28.27 -5.53
CA GLN B 177 -19.08 -28.54 -4.43
C GLN B 177 -18.47 -28.14 -3.10
N TYR B 178 -17.21 -28.45 -2.87
CA TYR B 178 -16.65 -28.27 -1.54
C TYR B 178 -15.84 -27.01 -1.35
N TYR B 179 -15.22 -26.46 -2.40
CA TYR B 179 -14.26 -25.39 -2.22
C TYR B 179 -14.43 -24.21 -3.15
N TYR B 180 -14.43 -24.45 -4.45
CA TYR B 180 -14.46 -23.34 -5.42
C TYR B 180 -15.90 -22.89 -5.60
N ASN B 181 -16.35 -22.10 -4.64
CA ASN B 181 -17.76 -21.70 -4.60
C ASN B 181 -17.92 -20.40 -3.80
N GLN B 182 -19.14 -19.84 -3.87
CA GLN B 182 -19.39 -18.54 -3.21
C GLN B 182 -19.26 -18.61 -1.70
N GLU B 183 -19.53 -19.76 -1.10
CA GLU B 183 -19.40 -19.93 0.35
C GLU B 183 -17.96 -19.77 0.77
N HIS B 184 -16.99 -19.98 -0.12
CA HIS B 184 -15.57 -19.79 0.18
C HIS B 184 -15.05 -18.47 -0.36
N GLY B 185 -15.96 -17.61 -0.85
CA GLY B 185 -15.58 -16.28 -1.31
C GLY B 185 -15.36 -16.11 -2.79
N TYR B 186 -15.50 -17.18 -3.58
CA TYR B 186 -15.33 -17.06 -5.02
C TYR B 186 -16.58 -16.52 -5.67
N THR B 187 -16.46 -15.37 -6.33
CA THR B 187 -17.58 -14.70 -7.01
C THR B 187 -17.79 -15.20 -8.42
N ASP B 188 -16.75 -15.77 -9.02
CA ASP B 188 -16.85 -16.24 -10.40
C ASP B 188 -16.09 -17.53 -10.50
N VAL B 189 -16.81 -18.63 -10.64
CA VAL B 189 -16.20 -19.95 -10.81
C VAL B 189 -16.50 -20.31 -12.24
N TYR B 190 -15.63 -19.90 -13.16
CA TYR B 190 -15.83 -20.16 -14.56
C TYR B 190 -15.57 -21.63 -14.75
N ASN B 191 -16.52 -22.39 -15.30
CA ASN B 191 -16.29 -23.84 -15.39
C ASN B 191 -16.89 -24.36 -16.66
N TYR B 192 -16.18 -25.30 -17.28
CA TYR B 192 -16.58 -25.88 -18.56
C TYR B 192 -16.50 -27.37 -18.39
N LEU B 193 -17.66 -28.02 -18.37
CA LEU B 193 -17.71 -29.45 -18.08
C LEU B 193 -17.69 -30.29 -19.34
N LYS B 194 -18.04 -29.70 -20.48
CA LYS B 194 -18.14 -30.41 -21.75
C LYS B 194 -18.34 -29.36 -22.81
N ALA B 195 -18.36 -29.77 -24.06
CA ALA B 195 -18.58 -28.85 -25.16
C ALA B 195 -19.97 -28.23 -25.02
N PRO B 196 -20.16 -26.94 -25.38
CA PRO B 196 -19.17 -26.09 -26.07
C PRO B 196 -18.16 -25.45 -25.13
N TYR B 197 -16.90 -25.46 -25.57
CA TYR B 197 -15.83 -24.84 -24.76
C TYR B 197 -15.47 -23.46 -25.26
N THR B 198 -16.17 -22.97 -26.30
CA THR B 198 -15.87 -21.67 -26.88
C THR B 198 -15.74 -20.59 -25.82
N GLY B 199 -14.62 -19.84 -25.90
CA GLY B 199 -14.33 -18.72 -25.04
C GLY B 199 -13.79 -19.09 -23.67
N CYS B 200 -13.56 -20.39 -23.40
CA CYS B 200 -13.15 -20.80 -22.05
C CYS B 200 -11.82 -20.19 -21.60
N TYR B 201 -10.93 -19.83 -22.54
CA TYR B 201 -9.64 -19.28 -22.10
C TYR B 201 -9.67 -17.75 -22.05
N SER B 202 -10.80 -17.10 -22.40
CA SER B 202 -10.90 -15.64 -22.26
C SER B 202 -10.71 -15.25 -20.79
N HIS B 203 -11.13 -16.10 -19.85
CA HIS B 203 -11.02 -15.78 -18.44
C HIS B 203 -9.57 -15.68 -17.99
N LEU B 204 -8.64 -16.33 -18.68
CA LEU B 204 -7.24 -16.15 -18.32
C LEU B 204 -6.83 -14.71 -18.52
N ASN B 205 -7.45 -14.02 -19.49
CA ASN B 205 -7.14 -12.62 -19.75
C ASN B 205 -7.89 -11.69 -18.80
N THR B 206 -9.20 -11.94 -18.59
CA THR B 206 -9.99 -11.03 -17.78
C THR B 206 -9.64 -11.13 -16.31
N GLY B 207 -9.17 -12.31 -15.87
CA GLY B 207 -8.62 -12.44 -14.55
C GLY B 207 -9.12 -13.63 -13.77
N VAL B 208 -8.19 -14.56 -13.46
CA VAL B 208 -8.46 -15.67 -12.53
C VAL B 208 -7.22 -15.86 -11.69
N SER B 209 -7.42 -16.37 -10.48
CA SER B 209 -6.32 -16.68 -9.57
C SER B 209 -5.75 -18.08 -9.82
N PHE B 210 -6.54 -18.94 -10.42
CA PHE B 210 -6.25 -20.37 -10.50
C PHE B 210 -6.95 -20.89 -11.72
N ALA B 211 -6.24 -21.76 -12.46
CA ALA B 211 -6.80 -22.43 -13.62
C ALA B 211 -6.40 -23.88 -13.56
N ASN B 212 -7.38 -24.80 -13.67
CA ASN B 212 -7.08 -26.23 -13.63
C ASN B 212 -7.80 -26.87 -14.82
N TYR B 213 -7.03 -27.60 -15.62
CA TYR B 213 -7.49 -28.35 -16.77
C TYR B 213 -7.20 -29.81 -16.51
N THR B 214 -8.22 -30.66 -16.77
CA THR B 214 -8.04 -32.11 -16.70
C THR B 214 -8.61 -32.73 -17.94
N ALA B 215 -7.74 -33.33 -18.78
CA ALA B 215 -8.06 -34.03 -20.06
C ALA B 215 -6.73 -34.18 -20.79
N HIS B 216 -6.70 -34.11 -22.12
CA HIS B 216 -5.47 -34.46 -22.86
C HIS B 216 -4.48 -33.31 -22.94
N GLY B 217 -3.21 -33.67 -22.85
CA GLY B 217 -2.14 -32.68 -22.96
C GLY B 217 -1.10 -33.12 -23.96
N SER B 218 -0.41 -32.11 -24.49
CA SER B 218 0.79 -32.32 -25.31
CA SER B 218 0.77 -32.28 -25.34
C SER B 218 1.94 -31.54 -24.69
N GLU B 219 3.13 -31.61 -25.29
CA GLU B 219 4.26 -30.90 -24.68
C GLU B 219 4.04 -29.42 -24.67
N THR B 220 3.26 -28.90 -25.61
CA THR B 220 3.09 -27.47 -25.83
C THR B 220 1.65 -27.00 -25.76
N ALA B 221 0.74 -27.81 -25.20
CA ALA B 221 -0.68 -27.41 -25.17
C ALA B 221 -1.50 -28.20 -24.19
N TRP B 222 -2.50 -27.53 -23.68
CA TRP B 222 -3.71 -28.17 -23.20
C TRP B 222 -4.45 -28.51 -24.51
N ALA B 223 -4.73 -29.78 -24.79
CA ALA B 223 -5.06 -30.12 -26.16
C ALA B 223 -6.51 -29.85 -26.58
N ASP B 224 -7.50 -29.99 -25.69
CA ASP B 224 -8.90 -29.86 -26.14
C ASP B 224 -9.79 -29.62 -24.94
N PRO B 225 -10.26 -28.39 -24.71
CA PRO B 225 -10.11 -27.21 -25.57
C PRO B 225 -8.65 -26.76 -25.65
N LEU B 226 -8.25 -26.37 -26.86
CA LEU B 226 -6.87 -26.09 -27.17
C LEU B 226 -6.39 -24.76 -26.63
N LEU B 227 -5.23 -24.83 -25.93
CA LEU B 227 -4.48 -23.69 -25.50
C LEU B 227 -3.03 -23.99 -25.74
N THR B 228 -2.45 -23.35 -26.76
CA THR B 228 -1.05 -23.63 -27.16
C THR B 228 -0.08 -22.64 -26.57
N THR B 229 1.21 -23.00 -26.66
CA THR B 229 2.26 -22.05 -26.22
C THR B 229 2.22 -20.74 -27.02
N SER B 230 1.85 -20.80 -28.33
CA SER B 230 1.73 -19.55 -29.08
CA SER B 230 1.72 -19.56 -29.10
C SER B 230 0.61 -18.68 -28.51
N GLN B 231 -0.52 -19.31 -28.10
CA GLN B 231 -1.61 -18.57 -27.49
C GLN B 231 -1.25 -18.03 -26.12
N LEU B 232 -0.41 -18.75 -25.36
CA LEU B 232 0.06 -18.22 -24.05
C LEU B 232 0.81 -16.91 -24.21
N LYS B 233 1.61 -16.81 -25.28
CA LYS B 233 2.40 -15.59 -25.52
C LYS B 233 1.54 -14.39 -25.83
N ALA B 234 0.26 -14.62 -26.25
CA ALA B 234 -0.69 -13.57 -26.60
C ALA B 234 -1.69 -13.27 -25.47
N LEU B 235 -1.52 -13.86 -24.28
CA LEU B 235 -2.37 -13.50 -23.14
C LEU B 235 -2.16 -12.04 -22.77
N THR B 236 -3.14 -11.46 -22.06
CA THR B 236 -3.12 -10.03 -21.75
C THR B 236 -3.44 -9.80 -20.27
N ASN B 237 -3.21 -10.80 -19.39
CA ASN B 237 -3.55 -10.67 -17.97
C ASN B 237 -2.48 -9.93 -17.15
N LYS B 238 -2.13 -8.70 -17.59
CA LYS B 238 -1.19 -7.88 -16.84
CA LYS B 238 -1.18 -7.89 -16.83
C LYS B 238 -1.70 -7.71 -15.40
N ASP B 239 -0.81 -7.91 -14.43
CA ASP B 239 -1.12 -7.70 -13.01
C ASP B 239 -2.13 -8.71 -12.45
N LYS B 240 -2.42 -9.81 -13.19
CA LYS B 240 -3.45 -10.76 -12.73
C LYS B 240 -2.91 -12.20 -12.91
N TYR B 241 -1.85 -12.52 -12.15
CA TYR B 241 -1.11 -13.76 -12.34
C TYR B 241 -1.71 -14.89 -11.55
N PHE B 242 -1.72 -16.08 -12.15
CA PHE B 242 -2.37 -17.23 -11.55
C PHE B 242 -1.44 -18.42 -11.33
N LEU B 243 -1.93 -19.36 -10.54
CA LEU B 243 -1.43 -20.73 -10.48
C LEU B 243 -2.21 -21.54 -11.52
N ALA B 244 -1.53 -22.31 -12.36
CA ALA B 244 -2.21 -23.20 -13.30
C ALA B 244 -1.74 -24.61 -13.03
N ILE B 245 -2.70 -25.57 -13.18
CA ILE B 245 -2.44 -26.99 -12.96
C ILE B 245 -3.00 -27.73 -14.16
N GLY B 246 -2.13 -28.45 -14.85
CA GLY B 246 -2.54 -29.29 -15.96
C GLY B 246 -2.44 -30.74 -15.56
N ASN B 247 -3.62 -31.33 -15.23
CA ASN B 247 -3.72 -32.77 -14.94
C ASN B 247 -3.94 -33.47 -16.28
N CYS B 248 -2.81 -33.73 -16.97
CA CYS B 248 -2.82 -34.15 -18.36
C CYS B 248 -1.41 -34.58 -18.71
N CYS B 249 -1.25 -35.20 -19.88
CA CYS B 249 0.07 -35.61 -20.29
C CYS B 249 1.00 -34.45 -20.59
N ILE B 250 2.29 -34.67 -20.30
CA ILE B 250 3.55 -34.11 -20.81
C ILE B 250 3.65 -32.58 -20.95
N THR B 251 2.74 -31.77 -20.42
CA THR B 251 2.90 -30.32 -20.53
C THR B 251 4.08 -29.76 -19.72
N ALA B 252 4.59 -30.55 -18.79
CA ALA B 252 5.78 -30.13 -18.00
C ALA B 252 7.02 -30.94 -18.41
N GLN B 253 7.05 -31.41 -19.67
CA GLN B 253 8.25 -32.18 -20.15
C GLN B 253 9.34 -31.16 -20.52
N PHE B 254 10.09 -30.73 -19.49
CA PHE B 254 10.89 -29.52 -19.62
C PHE B 254 12.25 -29.73 -20.28
N ASP B 255 12.54 -30.93 -20.79
CA ASP B 255 13.71 -31.14 -21.64
C ASP B 255 13.30 -31.34 -23.10
N TYR B 256 12.05 -30.98 -23.47
CA TYR B 256 11.60 -31.12 -24.84
C TYR B 256 12.39 -30.19 -25.77
N VAL B 257 12.37 -30.51 -27.07
CA VAL B 257 13.11 -29.75 -28.09
C VAL B 257 12.67 -28.26 -28.16
N GLN B 258 11.45 -27.95 -27.72
CA GLN B 258 10.95 -26.60 -27.58
CA GLN B 258 10.95 -26.60 -27.60
C GLN B 258 10.61 -26.36 -26.13
N PRO B 259 10.52 -25.10 -25.69
CA PRO B 259 10.04 -24.87 -24.31
C PRO B 259 8.65 -25.51 -24.15
N CYS B 260 8.46 -26.25 -23.06
CA CYS B 260 7.17 -26.93 -22.86
C CYS B 260 6.13 -25.91 -22.35
N PHE B 261 4.86 -26.33 -22.38
CA PHE B 261 3.76 -25.49 -21.96
C PHE B 261 4.04 -24.88 -20.55
N GLY B 262 4.47 -25.71 -19.60
CA GLY B 262 4.70 -25.19 -18.24
C GLY B 262 5.84 -24.17 -18.17
N GLU B 263 6.85 -24.31 -19.03
CA GLU B 263 7.92 -23.31 -19.12
C GLU B 263 7.33 -22.02 -19.75
N VAL B 264 6.61 -22.14 -20.85
CA VAL B 264 6.13 -20.91 -21.48
C VAL B 264 5.19 -20.14 -20.57
N ILE B 265 4.28 -20.87 -19.90
CA ILE B 265 3.25 -20.16 -19.12
C ILE B 265 3.87 -19.37 -17.96
N THR B 266 5.01 -19.84 -17.45
CA THR B 266 5.72 -19.10 -16.39
C THR B 266 6.70 -18.07 -16.94
N ARG B 267 7.31 -18.33 -18.09
CA ARG B 267 8.30 -17.39 -18.66
C ARG B 267 7.69 -16.15 -19.26
N VAL B 268 6.44 -16.19 -19.75
CA VAL B 268 5.87 -15.03 -20.47
C VAL B 268 5.80 -13.80 -19.57
N LYS B 269 6.07 -12.65 -20.18
CA LYS B 269 6.22 -11.41 -19.45
C LYS B 269 4.89 -10.76 -19.17
N GLU B 270 4.65 -10.44 -17.91
CA GLU B 270 3.49 -9.67 -17.49
C GLU B 270 2.17 -10.28 -18.00
N LYS B 271 2.14 -11.60 -18.05
CA LYS B 271 0.98 -12.39 -18.43
CA LYS B 271 0.98 -12.39 -18.43
C LYS B 271 1.23 -13.82 -17.95
N GLY B 272 0.22 -14.66 -18.09
CA GLY B 272 0.44 -16.03 -17.67
C GLY B 272 0.46 -16.23 -16.16
N ALA B 273 1.27 -17.23 -15.76
CA ALA B 273 1.26 -17.77 -14.41
C ALA B 273 2.49 -17.41 -13.60
N TYR B 274 2.36 -17.43 -12.29
CA TYR B 274 3.56 -17.36 -11.42
C TYR B 274 4.14 -18.79 -11.12
N ALA B 275 3.30 -19.84 -11.31
CA ALA B 275 3.71 -21.22 -11.07
C ALA B 275 2.79 -22.12 -11.86
N TYR B 276 3.34 -23.28 -12.21
CA TYR B 276 2.61 -24.31 -12.94
C TYR B 276 2.89 -25.63 -12.34
N ILE B 277 1.86 -26.49 -12.16
CA ILE B 277 2.04 -27.88 -11.78
C ILE B 277 1.57 -28.72 -12.97
N GLY B 278 2.43 -29.63 -13.41
CA GLY B 278 2.08 -30.54 -14.50
C GLY B 278 2.98 -31.72 -14.50
N SER B 279 2.74 -32.60 -15.48
CA SER B 279 3.48 -33.85 -15.60
C SER B 279 4.49 -33.79 -16.75
N SER B 280 5.70 -34.34 -16.47
CA SER B 280 6.71 -34.49 -17.51
C SER B 280 6.36 -35.66 -18.48
N PRO B 281 6.03 -36.86 -17.99
CA PRO B 281 5.56 -37.94 -18.89
C PRO B 281 4.04 -37.88 -19.02
N ASN B 282 3.49 -38.94 -19.61
CA ASN B 282 2.03 -39.06 -19.64
C ASN B 282 1.49 -39.08 -18.23
N SER B 283 0.30 -38.51 -18.07
CA SER B 283 -0.43 -38.71 -16.80
C SER B 283 -1.57 -39.69 -17.11
N TYR B 284 -2.25 -40.20 -16.09
CA TYR B 284 -3.26 -41.22 -16.26
C TYR B 284 -4.57 -40.80 -15.65
N TRP B 285 -5.67 -41.25 -16.26
CA TRP B 285 -7.00 -40.86 -15.76
C TRP B 285 -7.25 -41.30 -14.33
N GLY B 286 -6.88 -42.54 -13.98
CA GLY B 286 -7.17 -43.01 -12.62
C GLY B 286 -6.37 -42.25 -11.57
N GLU B 287 -5.04 -42.26 -11.69
CA GLU B 287 -4.25 -41.58 -10.67
C GLU B 287 -4.54 -40.08 -10.66
N ASP B 288 -4.82 -39.43 -11.79
CA ASP B 288 -5.14 -37.99 -11.75
C ASP B 288 -6.44 -37.76 -11.01
N TYR B 289 -7.40 -38.69 -11.12
CA TYR B 289 -8.68 -38.55 -10.39
C TYR B 289 -8.40 -38.51 -8.88
N TYR B 290 -7.65 -39.50 -8.41
CA TYR B 290 -7.30 -39.53 -6.98
C TYR B 290 -6.48 -38.30 -6.61
N TRP B 291 -5.54 -37.89 -7.48
CA TRP B 291 -4.68 -36.75 -7.21
C TRP B 291 -5.53 -35.54 -6.83
N SER B 292 -6.56 -35.24 -7.60
CA SER B 292 -7.37 -34.07 -7.29
C SER B 292 -8.40 -34.26 -6.18
N VAL B 293 -9.10 -35.43 -6.16
CA VAL B 293 -10.24 -35.65 -5.28
CA VAL B 293 -10.22 -35.58 -5.25
C VAL B 293 -9.90 -36.38 -4.00
N GLY B 294 -8.95 -37.33 -4.05
CA GLY B 294 -8.59 -38.25 -2.98
C GLY B 294 -8.81 -39.67 -3.42
N ALA B 295 -8.17 -40.57 -2.71
CA ALA B 295 -8.34 -42.02 -2.96
C ALA B 295 -9.78 -42.41 -2.60
N ASN B 296 -10.17 -43.58 -3.09
CA ASN B 296 -11.50 -44.17 -2.92
C ASN B 296 -12.55 -43.54 -3.80
N ALA B 297 -12.14 -42.66 -4.71
CA ALA B 297 -13.09 -42.11 -5.71
C ALA B 297 -13.40 -43.21 -6.72
N VAL B 298 -14.65 -43.26 -7.21
CA VAL B 298 -15.11 -44.28 -8.15
C VAL B 298 -15.43 -43.64 -9.47
N PHE B 299 -14.99 -44.28 -10.57
CA PHE B 299 -15.28 -43.74 -11.88
C PHE B 299 -16.80 -43.73 -12.11
N GLY B 300 -17.35 -42.62 -12.57
CA GLY B 300 -18.76 -42.54 -12.93
C GLY B 300 -19.71 -42.35 -11.77
N VAL B 301 -19.20 -42.16 -10.55
CA VAL B 301 -20.02 -41.92 -9.35
C VAL B 301 -19.45 -40.67 -8.69
N GLN B 302 -20.29 -39.65 -8.53
CA GLN B 302 -19.79 -38.41 -7.98
C GLN B 302 -19.14 -38.62 -6.61
N PRO B 303 -17.87 -38.29 -6.43
CA PRO B 303 -17.24 -38.55 -5.13
C PRO B 303 -17.72 -37.57 -4.07
N THR B 304 -17.63 -37.97 -2.81
CA THR B 304 -17.98 -37.11 -1.68
C THR B 304 -16.75 -36.88 -0.83
N PHE B 305 -16.82 -35.80 -0.04
CA PHE B 305 -15.75 -35.52 0.91
C PHE B 305 -15.60 -36.64 1.93
N GLU B 306 -16.74 -37.21 2.39
CA GLU B 306 -16.75 -38.26 3.42
C GLU B 306 -16.32 -39.58 2.89
N GLY B 307 -16.46 -39.79 1.57
CA GLY B 307 -16.14 -41.08 0.96
C GLY B 307 -14.77 -41.21 0.34
N THR B 308 -13.96 -40.17 0.44
CA THR B 308 -12.61 -40.17 -0.18
C THR B 308 -11.59 -39.76 0.83
N SER B 309 -10.32 -40.10 0.55
CA SER B 309 -9.22 -39.56 1.37
C SER B 309 -8.88 -38.13 0.91
N MET B 310 -7.85 -37.52 1.50
CA MET B 310 -7.48 -36.15 1.17
C MET B 310 -6.80 -36.10 -0.21
N GLY B 311 -7.34 -35.30 -1.10
CA GLY B 311 -6.70 -35.01 -2.39
C GLY B 311 -6.14 -33.60 -2.43
N SER B 312 -5.69 -33.21 -3.61
CA SER B 312 -5.03 -31.90 -3.74
CA SER B 312 -5.05 -31.91 -3.78
C SER B 312 -6.01 -30.77 -3.43
N TYR B 313 -7.27 -30.84 -3.89
CA TYR B 313 -8.22 -29.77 -3.56
C TYR B 313 -8.42 -29.68 -2.05
N ASP B 314 -8.64 -30.85 -1.41
CA ASP B 314 -8.89 -30.87 0.03
C ASP B 314 -7.72 -30.26 0.77
N ALA B 315 -6.49 -30.60 0.39
CA ALA B 315 -5.30 -30.13 1.09
C ALA B 315 -5.17 -28.63 0.93
N THR B 316 -5.39 -28.14 -0.30
CA THR B 316 -5.31 -26.71 -0.59
C THR B 316 -6.11 -25.93 0.45
N PHE B 317 -7.37 -26.40 0.66
CA PHE B 317 -8.33 -25.69 1.49
C PHE B 317 -8.23 -25.99 2.98
N LEU B 318 -7.35 -26.90 3.42
CA LEU B 318 -7.04 -26.95 4.88
C LEU B 318 -6.42 -25.61 5.24
N GLU B 319 -6.87 -25.02 6.34
CA GLU B 319 -6.37 -23.71 6.71
CA GLU B 319 -6.37 -23.72 6.72
C GLU B 319 -4.96 -23.78 7.31
N ASP B 320 -4.64 -24.84 8.04
CA ASP B 320 -3.40 -24.83 8.81
C ASP B 320 -2.28 -25.70 8.27
N SER B 321 -2.46 -26.26 7.06
CA SER B 321 -1.40 -27.03 6.45
C SER B 321 -1.66 -27.07 4.95
N TYR B 322 -0.65 -27.54 4.20
CA TYR B 322 -0.71 -27.62 2.72
C TYR B 322 -1.11 -26.27 2.13
N ASN B 323 -0.27 -25.27 2.44
CA ASN B 323 -0.55 -23.89 2.03
C ASN B 323 0.40 -23.36 0.97
N THR B 324 1.33 -24.19 0.47
CA THR B 324 2.22 -23.74 -0.61
C THR B 324 1.84 -24.40 -1.94
N VAL B 325 2.37 -23.87 -3.04
CA VAL B 325 2.21 -24.52 -4.35
C VAL B 325 2.79 -25.94 -4.30
N ASN B 326 4.04 -26.10 -3.80
CA ASN B 326 4.58 -27.46 -3.78
C ASN B 326 3.67 -28.38 -2.99
N SER B 327 3.07 -27.92 -1.87
CA SER B 327 2.25 -28.83 -1.07
C SER B 327 1.01 -29.32 -1.81
N ILE B 328 0.47 -28.51 -2.75
CA ILE B 328 -0.68 -28.98 -3.54
C ILE B 328 -0.30 -30.23 -4.33
N MET B 329 0.85 -30.14 -5.01
CA MET B 329 1.37 -31.27 -5.78
C MET B 329 1.66 -32.48 -4.86
N TRP B 330 2.27 -32.23 -3.69
CA TRP B 330 2.57 -33.28 -2.72
C TRP B 330 1.28 -33.99 -2.31
N ALA B 331 0.24 -33.24 -1.97
CA ALA B 331 -1.01 -33.87 -1.56
C ALA B 331 -1.60 -34.72 -2.67
N GLY B 332 -1.55 -34.24 -3.91
CA GLY B 332 -2.07 -35.05 -5.02
C GLY B 332 -1.29 -36.34 -5.15
N ASN B 333 0.06 -36.26 -5.07
CA ASN B 333 0.86 -37.48 -5.16
C ASN B 333 0.58 -38.40 -3.97
N LEU B 334 0.36 -37.84 -2.79
CA LEU B 334 0.00 -38.69 -1.65
C LEU B 334 -1.31 -39.45 -1.91
N ALA B 335 -2.30 -38.77 -2.48
CA ALA B 335 -3.59 -39.42 -2.74
C ALA B 335 -3.43 -40.55 -3.76
N ALA B 336 -2.64 -40.32 -4.82
CA ALA B 336 -2.39 -41.37 -5.81
C ALA B 336 -1.66 -42.55 -5.18
N THR B 337 -0.76 -42.29 -4.21
CA THR B 337 -0.02 -43.33 -3.50
C THR B 337 -0.97 -44.08 -2.56
N HIS B 338 -1.78 -43.35 -1.79
CA HIS B 338 -2.75 -43.97 -0.87
C HIS B 338 -3.70 -44.89 -1.64
N ALA B 339 -4.17 -44.44 -2.79
CA ALA B 339 -5.09 -45.24 -3.61
C ALA B 339 -4.48 -46.59 -3.91
N GLY B 340 -3.23 -46.62 -4.31
CA GLY B 340 -2.58 -47.92 -4.52
C GLY B 340 -2.51 -48.72 -3.24
N ASN B 341 -2.13 -48.08 -2.14
CA ASN B 341 -1.95 -48.78 -0.87
C ASN B 341 -3.23 -49.42 -0.37
N ILE B 342 -4.39 -48.83 -0.65
CA ILE B 342 -5.65 -49.36 -0.13
C ILE B 342 -6.35 -50.23 -1.17
N GLY B 343 -5.71 -50.49 -2.30
CA GLY B 343 -6.29 -51.42 -3.26
C GLY B 343 -7.24 -50.88 -4.31
N ASN B 344 -7.28 -49.53 -4.50
CA ASN B 344 -8.11 -48.97 -5.58
C ASN B 344 -7.51 -49.33 -6.92
N ILE B 345 -8.30 -49.16 -7.98
CA ILE B 345 -7.82 -49.34 -9.36
C ILE B 345 -6.67 -48.37 -9.59
N THR B 346 -5.54 -48.86 -10.10
CA THR B 346 -4.41 -48.00 -10.45
C THR B 346 -4.03 -48.25 -11.88
N HIS B 347 -3.56 -47.20 -12.53
CA HIS B 347 -3.14 -47.25 -13.92
C HIS B 347 -1.64 -47.23 -14.16
N ILE B 348 -0.84 -46.78 -13.15
CA ILE B 348 0.59 -46.65 -13.43
C ILE B 348 1.44 -46.78 -12.17
N GLY B 349 0.94 -46.40 -11.01
CA GLY B 349 1.73 -46.58 -9.79
C GLY B 349 2.32 -45.30 -9.23
N ALA B 350 2.55 -45.35 -7.90
CA ALA B 350 2.98 -44.19 -7.14
C ALA B 350 4.38 -43.73 -7.50
N HIS B 351 5.33 -44.65 -7.64
CA HIS B 351 6.69 -44.24 -7.94
C HIS B 351 6.70 -43.36 -9.20
N TYR B 352 5.98 -43.80 -10.23
CA TYR B 352 5.86 -43.02 -11.45
C TYR B 352 5.33 -41.61 -11.17
N TYR B 353 4.28 -41.51 -10.36
CA TYR B 353 3.72 -40.18 -10.10
C TYR B 353 4.71 -39.25 -9.39
N TRP B 354 5.46 -39.79 -8.42
CA TRP B 354 6.44 -38.90 -7.75
C TRP B 354 7.52 -38.47 -8.77
N GLU B 355 7.88 -39.30 -9.75
CA GLU B 355 8.80 -38.87 -10.78
C GLU B 355 8.18 -37.95 -11.80
N ALA B 356 6.84 -38.04 -11.99
CA ALA B 356 6.15 -37.36 -13.07
C ALA B 356 5.87 -35.90 -12.83
N TYR B 357 5.20 -35.60 -11.70
CA TYR B 357 4.72 -34.25 -11.50
C TYR B 357 5.83 -33.31 -11.03
N HIS B 358 5.78 -32.11 -11.57
CA HIS B 358 6.75 -31.06 -11.23
C HIS B 358 6.06 -29.73 -11.03
N VAL B 359 6.75 -28.87 -10.26
CA VAL B 359 6.46 -27.44 -10.20
C VAL B 359 7.48 -26.70 -11.09
N LEU B 360 6.92 -25.90 -12.01
CA LEU B 360 7.70 -24.91 -12.78
C LEU B 360 7.30 -23.53 -12.29
N GLY B 361 8.24 -22.64 -12.17
CA GLY B 361 7.93 -21.39 -11.47
C GLY B 361 8.13 -21.58 -9.96
N ASP B 362 7.53 -20.71 -9.14
CA ASP B 362 7.89 -20.67 -7.73
C ASP B 362 6.95 -21.49 -6.84
N GLY B 363 7.43 -22.65 -6.43
CA GLY B 363 6.65 -23.55 -5.60
C GLY B 363 6.55 -23.16 -4.14
N SER B 364 7.33 -22.13 -3.72
CA SER B 364 7.27 -21.67 -2.32
C SER B 364 6.19 -20.62 -2.12
N VAL B 365 5.49 -20.19 -3.18
CA VAL B 365 4.37 -19.26 -3.01
C VAL B 365 3.26 -19.96 -2.22
N MET B 366 2.60 -19.16 -1.36
CA MET B 366 1.40 -19.61 -0.65
CA MET B 366 1.40 -19.59 -0.63
C MET B 366 0.19 -19.00 -1.36
N PRO B 367 -0.52 -19.78 -2.18
CA PRO B 367 -1.64 -19.19 -2.92
C PRO B 367 -2.76 -18.73 -1.99
N TYR B 368 -3.35 -17.61 -2.35
CA TYR B 368 -4.54 -17.15 -1.66
C TYR B 368 -5.72 -18.07 -2.01
N ARG B 369 -6.79 -17.98 -1.23
CA ARG B 369 -8.00 -18.76 -1.51
C ARG B 369 -9.14 -17.77 -1.47
N ALA B 370 -9.55 -17.32 -2.66
CA ALA B 370 -10.46 -16.18 -2.85
C ALA B 370 -9.77 -14.94 -2.25
N MET B 371 -10.51 -13.95 -1.78
CA MET B 371 -9.87 -12.73 -1.31
C MET B 371 -9.12 -12.99 -0.02
N PRO B 372 -7.81 -12.76 0.03
CA PRO B 372 -7.09 -12.97 1.29
C PRO B 372 -7.52 -11.98 2.35
N LYS B 373 -7.37 -12.40 3.62
CA LYS B 373 -7.79 -11.63 4.78
CA LYS B 373 -7.79 -11.63 4.78
C LYS B 373 -6.79 -10.55 5.14
N THR B 374 -7.24 -9.62 5.96
CA THR B 374 -6.36 -8.54 6.45
C THR B 374 -5.81 -8.96 7.81
N ASN B 375 -4.47 -8.94 7.97
CA ASN B 375 -3.90 -9.40 9.21
C ASN B 375 -3.97 -8.32 10.29
N THR B 376 -3.78 -8.73 11.53
CA THR B 376 -3.75 -7.83 12.67
C THR B 376 -2.36 -7.97 13.28
N TYR B 377 -1.81 -6.84 13.74
CA TYR B 377 -0.46 -6.84 14.30
C TYR B 377 -0.25 -5.58 15.09
N THR B 378 0.81 -5.57 15.89
CA THR B 378 1.27 -4.36 16.57
C THR B 378 2.76 -4.37 16.48
N LEU B 379 3.35 -3.40 15.85
CA LEU B 379 4.81 -3.30 15.77
C LEU B 379 5.32 -2.45 16.89
N PRO B 380 6.48 -2.80 17.49
CA PRO B 380 7.02 -1.93 18.54
C PRO B 380 7.49 -0.62 17.96
N ALA B 381 7.55 0.40 18.82
CA ALA B 381 8.01 1.74 18.45
C ALA B 381 9.48 1.72 18.02
N SER B 382 10.28 0.81 18.65
CA SER B 382 11.69 0.69 18.35
C SER B 382 12.17 -0.74 18.49
N LEU B 383 13.37 -0.97 18.00
CA LEU B 383 14.07 -2.25 18.16
C LEU B 383 15.40 -1.96 18.87
N PRO B 384 15.44 -2.06 20.21
CA PRO B 384 16.73 -1.86 20.91
C PRO B 384 17.83 -2.78 20.36
N GLN B 385 19.05 -2.24 20.27
CA GLN B 385 20.17 -3.02 19.78
C GLN B 385 20.59 -4.13 20.75
N ASN B 386 21.30 -5.15 20.22
CA ASN B 386 21.94 -6.21 20.98
C ASN B 386 20.96 -7.03 21.80
N GLN B 387 19.79 -7.37 21.18
CA GLN B 387 18.78 -8.24 21.80
C GLN B 387 18.74 -9.59 21.11
N ALA B 388 18.70 -10.68 21.87
CA ALA B 388 18.62 -12.05 21.30
C ALA B 388 17.24 -12.35 20.70
N SER B 389 16.23 -11.63 21.12
CA SER B 389 14.87 -11.81 20.57
C SER B 389 14.05 -10.58 20.76
N TYR B 390 12.96 -10.45 19.99
CA TYR B 390 11.93 -9.46 20.19
C TYR B 390 10.62 -10.18 20.25
N SER B 391 9.68 -9.62 20.95
CA SER B 391 8.32 -10.15 21.02
C SER B 391 7.46 -9.22 20.23
N ILE B 392 6.82 -9.77 19.15
CA ILE B 392 6.04 -8.95 18.26
C ILE B 392 4.59 -9.51 18.17
N GLN B 393 3.58 -8.66 18.34
CA GLN B 393 2.20 -9.11 18.28
C GLN B 393 1.76 -9.23 16.83
N ALA B 394 1.16 -10.38 16.50
CA ALA B 394 0.58 -10.63 15.19
C ALA B 394 -0.41 -11.77 15.37
N SER B 395 -1.37 -11.90 14.45
CA SER B 395 -2.32 -13.00 14.62
C SER B 395 -1.66 -14.36 14.68
N ALA B 396 -2.25 -15.25 15.47
CA ALA B 396 -1.75 -16.60 15.66
C ALA B 396 -1.46 -17.27 14.31
N GLY B 397 -0.26 -17.80 14.20
CA GLY B 397 0.19 -18.49 12.99
C GLY B 397 0.98 -17.63 12.04
N SER B 398 0.95 -16.29 12.22
CA SER B 398 1.72 -15.37 11.37
C SER B 398 3.20 -15.59 11.54
N TYR B 399 3.94 -15.44 10.46
CA TYR B 399 5.38 -15.60 10.45
C TYR B 399 6.00 -14.21 10.32
N VAL B 400 6.83 -13.82 11.31
CA VAL B 400 7.39 -12.48 11.36
C VAL B 400 8.88 -12.56 11.10
N ALA B 401 9.36 -11.65 10.24
CA ALA B 401 10.78 -11.66 9.86
C ALA B 401 11.34 -10.24 9.92
N ILE B 402 12.55 -10.12 10.48
CA ILE B 402 13.27 -8.85 10.56
C ILE B 402 14.53 -8.97 9.72
N SER B 403 14.77 -7.97 8.84
CA SER B 403 15.89 -8.06 7.93
C SER B 403 16.38 -6.66 7.62
N LYS B 404 17.51 -6.58 6.88
CA LYS B 404 17.99 -5.30 6.39
C LYS B 404 18.86 -5.59 5.20
N ASP B 405 18.69 -4.79 4.12
CA ASP B 405 19.47 -4.94 2.89
C ASP B 405 19.45 -6.37 2.34
N GLY B 406 18.30 -7.05 2.48
CA GLY B 406 18.18 -8.43 1.98
C GLY B 406 18.84 -9.49 2.80
N VAL B 407 19.32 -9.12 4.03
CA VAL B 407 19.95 -10.04 4.94
C VAL B 407 18.94 -10.30 6.02
N LEU B 408 18.62 -11.58 6.23
CA LEU B 408 17.65 -11.93 7.28
C LEU B 408 18.34 -11.97 8.64
N TYR B 409 17.73 -11.31 9.64
CA TYR B 409 18.27 -11.23 10.99
C TYR B 409 17.54 -12.13 11.96
N GLY B 410 16.24 -12.32 11.79
CA GLY B 410 15.51 -13.16 12.75
C GLY B 410 14.12 -13.45 12.30
N THR B 411 13.52 -14.50 12.87
CA THR B 411 12.17 -14.94 12.52
C THR B 411 11.47 -15.48 13.75
N GLY B 412 10.15 -15.54 13.67
CA GLY B 412 9.34 -16.23 14.68
C GLY B 412 7.93 -16.39 14.18
N VAL B 413 7.23 -17.38 14.72
CA VAL B 413 5.82 -17.63 14.41
C VAL B 413 4.98 -17.21 15.59
N ALA B 414 3.94 -16.44 15.33
CA ALA B 414 3.04 -16.04 16.43
C ALA B 414 2.33 -17.23 17.03
N ASN B 415 2.36 -17.34 18.37
CA ASN B 415 1.74 -18.43 19.09
C ASN B 415 0.22 -18.20 19.15
N ALA B 416 -0.47 -19.11 19.84
CA ALA B 416 -1.94 -19.07 19.92
C ALA B 416 -2.48 -17.78 20.54
N SER B 417 -1.70 -17.12 21.41
CA SER B 417 -2.14 -15.87 22.03
CA SER B 417 -2.11 -15.87 22.06
C SER B 417 -1.88 -14.67 21.12
N GLY B 418 -1.10 -14.89 20.05
CA GLY B 418 -0.83 -13.76 19.16
C GLY B 418 0.50 -13.05 19.39
N VAL B 419 1.50 -13.77 19.88
CA VAL B 419 2.85 -13.21 20.06
C VAL B 419 3.85 -14.06 19.32
N ALA B 420 4.68 -13.40 18.45
CA ALA B 420 5.83 -14.08 17.84
C ALA B 420 7.10 -13.73 18.62
N THR B 421 7.83 -14.74 19.01
CA THR B 421 9.16 -14.55 19.63
C THR B 421 10.12 -14.60 18.44
N VAL B 422 10.60 -13.43 18.00
CA VAL B 422 11.49 -13.38 16.83
C VAL B 422 12.91 -13.60 17.31
N SER B 423 13.46 -14.78 17.03
CA SER B 423 14.79 -15.18 17.44
C SER B 423 15.78 -14.58 16.51
N MET B 424 16.69 -13.75 17.06
CA MET B 424 17.67 -13.03 16.25
C MET B 424 18.93 -13.85 16.07
N THR B 425 19.04 -14.50 14.91
CA THR B 425 20.24 -15.26 14.57
C THR B 425 21.38 -14.31 14.23
N LYS B 426 21.04 -13.08 13.84
CA LYS B 426 21.97 -11.96 13.70
C LYS B 426 21.34 -10.86 14.51
N GLN B 427 22.05 -10.36 15.53
CA GLN B 427 21.49 -9.28 16.34
C GLN B 427 21.60 -7.96 15.63
N ILE B 428 20.76 -7.01 16.05
CA ILE B 428 20.84 -5.65 15.54
C ILE B 428 21.96 -4.94 16.32
N THR B 429 23.05 -4.62 15.64
CA THR B 429 24.24 -4.04 16.30
C THR B 429 24.60 -2.72 15.63
N GLU B 430 23.85 -2.30 14.62
CA GLU B 430 24.12 -1.09 13.85
C GLU B 430 22.83 -0.31 13.62
N ASN B 431 22.93 1.00 13.45
CA ASN B 431 21.82 1.86 13.11
C ASN B 431 21.39 1.56 11.68
N GLY B 432 20.12 1.78 11.38
CA GLY B 432 19.62 1.57 10.03
C GLY B 432 18.11 1.48 10.00
N ASN B 433 17.59 1.30 8.79
CA ASN B 433 16.17 1.14 8.53
CA ASN B 433 16.15 1.12 8.55
C ASN B 433 15.90 -0.34 8.33
N TYR B 434 15.32 -0.98 9.35
CA TYR B 434 15.09 -2.45 9.33
C TYR B 434 13.72 -2.83 8.81
N ASP B 435 13.69 -3.81 7.91
CA ASP B 435 12.42 -4.29 7.34
C ASP B 435 11.78 -5.29 8.29
N VAL B 436 10.47 -5.18 8.45
CA VAL B 436 9.67 -6.11 9.24
C VAL B 436 8.56 -6.59 8.32
N VAL B 437 8.50 -7.92 8.09
CA VAL B 437 7.49 -8.49 7.21
C VAL B 437 6.72 -9.52 7.98
N ILE B 438 5.39 -9.52 7.82
CA ILE B 438 4.54 -10.47 8.47
C ILE B 438 3.71 -11.14 7.40
N THR B 439 3.77 -12.48 7.34
CA THR B 439 2.97 -13.23 6.35
C THR B 439 2.17 -14.30 7.03
N ARG B 440 1.10 -14.75 6.36
CA ARG B 440 0.27 -15.83 6.87
C ARG B 440 -0.50 -16.35 5.68
N SER B 441 -0.73 -17.67 5.64
CA SER B 441 -1.49 -18.25 4.55
C SER B 441 -2.87 -17.59 4.40
N ASN B 442 -3.20 -17.18 3.20
CA ASN B 442 -4.47 -16.52 2.87
C ASN B 442 -4.70 -15.22 3.61
N TYR B 443 -3.60 -14.53 3.97
CA TYR B 443 -3.62 -13.16 4.48
C TYR B 443 -2.76 -12.32 3.59
N LEU B 444 -3.17 -11.05 3.39
CA LEU B 444 -2.32 -10.08 2.74
C LEU B 444 -1.09 -9.84 3.60
N PRO B 445 0.07 -9.62 2.97
CA PRO B 445 1.30 -9.40 3.73
C PRO B 445 1.31 -8.03 4.37
N VAL B 446 2.09 -7.91 5.47
CA VAL B 446 2.37 -6.65 6.17
C VAL B 446 3.83 -6.36 5.91
N ILE B 447 4.15 -5.18 5.36
CA ILE B 447 5.50 -4.81 5.01
C ILE B 447 5.76 -3.48 5.63
N LYS B 448 6.67 -3.43 6.60
CA LYS B 448 6.94 -2.21 7.35
C LYS B 448 8.41 -2.04 7.59
N GLN B 449 8.78 -0.85 8.09
CA GLN B 449 10.17 -0.60 8.48
C GLN B 449 10.17 0.00 9.85
N ILE B 450 11.26 -0.24 10.57
CA ILE B 450 11.47 0.36 11.87
C ILE B 450 12.85 0.95 11.85
N GLN B 451 12.96 2.26 12.17
CA GLN B 451 14.26 2.92 12.21
CA GLN B 451 14.27 2.89 12.21
C GLN B 451 14.95 2.63 13.56
N VAL B 452 16.26 2.29 13.49
CA VAL B 452 17.13 2.03 14.65
C VAL B 452 18.21 3.13 14.64
N GLY B 453 18.30 3.88 15.73
CA GLY B 453 19.30 4.95 15.89
C GLY B 453 19.82 5.01 17.31
UNK UNX C . 3.90 14.22 12.44
UNK UNX D . 7.97 43.23 1.82
NA NA E . 2.12 14.02 7.55
NA NA F . -2.30 4.78 -1.05
CA CA G . 5.46 25.95 -11.13
CA CA H . -16.90 34.99 -1.79
CAQ H8E I . -25.58 19.56 -6.66
CAK H8E I . -26.64 19.58 -5.73
CAH H8E I . -27.30 18.40 -5.39
CAL H8E I . -26.94 17.19 -5.96
CAR H8E I . -25.91 17.19 -6.88
CBO H8E I . -25.19 18.33 -7.22
CBA H8E I . -24.19 18.22 -8.20
NBE H8E I . -22.87 17.86 -7.66
CBL H8E I . -21.97 17.10 -8.34
OAE H8E I . -22.25 16.59 -9.44
CBN H8E I . -20.60 16.92 -7.69
OAG H8E I . -20.61 17.15 -6.44
CBS H8E I . -19.91 15.59 -8.13
CBB H8E I . -18.82 15.13 -7.16
CAY H8E I . -18.23 13.76 -7.53
CAX H8E I . -16.97 13.38 -6.76
CAW H8E I . -17.26 13.01 -5.31
NAB H8E I . -15.99 12.62 -4.63
NBG H8E I . -19.39 15.64 -9.50
C H8E I . -19.74 14.85 -10.51
O H8E I . -20.61 13.99 -10.47
CA H8E I . -19.09 15.24 -11.83
N H8E I . -19.03 14.14 -12.78
CBK H8E I . -18.26 13.05 -12.60
OAD H8E I . -17.65 12.91 -11.52
OBI H8E I . -18.22 12.23 -13.56
CBD H8E I . -17.46 10.97 -13.41
CBP H8E I . -17.73 10.05 -14.52
CAS H8E I . -16.86 9.93 -15.60
CAM H8E I . -17.10 9.03 -16.69
CAI H8E I . -18.31 8.32 -16.64
CAN H8E I . -19.19 8.49 -15.59
CAT H8E I . -18.93 9.34 -14.53
CB H8E I . -19.87 16.41 -12.46
CG H8E I . -21.36 16.06 -12.75
CD H8E I . -22.17 17.30 -13.00
OE1 H8E I . -22.18 17.82 -14.12
NE2 H8E I . -22.93 17.71 -11.97
NE2 H8E I . -22.77 17.77 -11.89
NBT H8E I . -24.00 18.62 -12.20
NBT H8E I . -23.44 19.00 -11.86
CAA H8E I . -25.27 17.94 -12.62
CAA H8E I . -22.82 19.96 -10.90
CBQ H8E I . -24.03 19.75 -11.36
CBQ H8E I . -24.86 18.91 -12.03
CAU H8E I . -25.24 20.41 -11.08
CAU H8E I . -25.73 19.87 -11.51
CAO H8E I . -25.23 21.55 -10.26
CAO H8E I . -27.10 19.78 -11.75
CAJ H8E I . -24.05 21.97 -9.66
CAJ H8E I . -27.61 18.74 -12.52
CAP H8E I . -22.86 21.28 -9.91
CAP H8E I . -26.75 17.75 -13.01
CAV H8E I . -22.83 20.17 -10.76
CAV H8E I . -25.38 17.85 -12.79
N1 EPE J . 11.88 39.60 9.32
N1 EPE J . 5.88 41.16 10.03
C2 EPE J . 13.17 39.08 8.73
C2 EPE J . 5.10 41.23 11.25
C3 EPE J . 13.13 39.04 7.23
C3 EPE J . 3.70 41.67 10.95
N4 EPE J . 11.95 38.33 6.79
N4 EPE J . 3.68 42.96 10.28
C5 EPE J . 10.83 39.16 7.12
C5 EPE J . 4.48 42.91 9.04
C6 EPE J . 10.65 39.19 8.61
C6 EPE J . 5.89 42.46 9.35
C7 EPE J . 11.99 37.94 5.38
C7 EPE J . 2.31 43.41 10.06
C8 EPE J . 12.66 36.61 5.19
C8 EPE J . 1.99 44.31 8.88
O8 EPE J . 11.96 35.81 4.30
O8 EPE J . 0.60 44.61 9.02
C9 EPE J . 11.78 39.10 10.71
C9 EPE J . 7.23 40.64 10.24
C10 EPE J . 12.06 40.15 11.77
C10 EPE J . 8.02 41.24 11.38
S EPE J . 13.32 41.24 11.40
S EPE J . 9.27 40.16 11.63
O1S EPE J . 14.40 40.49 10.78
O1S EPE J . 9.32 39.28 10.48
O2S EPE J . 13.71 41.81 12.68
O2S EPE J . 8.88 39.43 12.82
O3S EPE J . 12.74 42.24 10.51
O3S EPE J . 10.48 40.94 11.80
C1 GOL K . 27.14 30.53 21.83
O1 GOL K . 26.84 30.50 20.43
C2 GOL K . 26.37 31.63 22.52
O2 GOL K . 24.99 31.29 22.53
C3 GOL K . 26.84 31.84 23.94
O3 GOL K . 26.68 30.65 24.72
C1 GOL L . 9.02 17.80 9.43
O1 GOL L . 9.97 17.09 8.63
C2 GOL L . 8.31 18.85 8.61
O2 GOL L . 7.53 18.22 7.60
C3 GOL L . 7.38 19.69 9.45
O3 GOL L . 6.47 18.84 10.16
C1 GOL M . -26.02 19.37 12.62
C1 GOL M . -25.95 19.40 12.81
O1 GOL M . -26.79 18.29 13.12
O1 GOL M . -26.78 18.28 13.14
C2 GOL M . -26.78 20.66 12.80
C2 GOL M . -26.80 20.63 12.62
O2 GOL M . -27.05 20.86 14.18
O2 GOL M . -27.64 20.46 11.48
C3 GOL M . -26.03 21.85 12.26
C3 GOL M . -25.98 21.88 12.47
O3 GOL M . -26.83 23.02 12.37
O3 GOL M . -26.83 23.02 12.37
UNK UNX N . -4.81 -21.01 5.23
UNK UNX O . 26.13 -22.39 1.13
NA NA P . -4.07 -25.56 2.81
NA NA Q . -11.31 -36.16 -0.75
CA CA R . 13.07 -39.72 0.92
CA CA S . 13.23 -26.64 -21.42
CAQ H8E T . -2.05 -35.25 -27.13
CAK H8E T . -2.58 -34.29 -28.01
CAH H8E T . -3.92 -34.33 -28.38
CAL H8E T . -4.74 -35.35 -27.88
CAR H8E T . -4.20 -36.32 -27.05
CBO H8E T . -2.87 -36.26 -26.63
CBA H8E T . -2.33 -37.28 -25.80
NBE H8E T . -2.49 -37.01 -24.35
CBL H8E T . -2.76 -37.95 -23.43
OAE H8E T . -3.01 -39.10 -23.74
CBN H8E T . -2.80 -37.44 -21.95
OAG H8E T . -2.92 -36.19 -21.83
CBS H8E T . -3.73 -38.33 -21.06
CBB H8E T . -4.11 -37.63 -19.74
CAY H8E T . -5.17 -38.45 -19.00
CAX H8E T . -5.43 -37.91 -17.57
CAW H8E T . -6.25 -36.61 -17.60
NAB H8E T . -6.48 -36.19 -16.16
NBG H8E T . -3.21 -39.66 -20.75
C H8E T . -3.75 -40.82 -21.13
O H8E T . -4.79 -40.97 -21.76
CA H8E T . -2.88 -42.00 -20.76
N H8E T . -3.65 -43.26 -20.58
CBK H8E T . -4.48 -43.45 -19.54
OAD H8E T . -4.77 -42.50 -18.78
OBI H8E T . -5.01 -44.60 -19.50
CBD H8E T . -6.01 -44.93 -18.50
CBP H8E T . -6.61 -46.22 -18.73
CAS H8E T . -6.26 -47.36 -17.99
CAM H8E T . -6.85 -48.64 -18.20
CAI H8E T . -7.84 -48.75 -19.19
CAN H8E T . -8.18 -47.61 -19.94
CAT H8E T . -7.57 -46.38 -19.73
CB H8E T . -1.81 -42.24 -21.85
CG H8E T . -2.48 -42.47 -23.23
CD H8E T . -1.49 -42.32 -24.37
OE1 H8E T . -0.76 -43.26 -24.67
NE2 H8E T . -1.52 -41.15 -24.99
NBT H8E T . -0.81 -41.03 -26.23
CAA H8E T . -1.61 -41.56 -27.39
CBQ H8E T . -0.04 -39.90 -26.34
CAU H8E T . 0.25 -39.37 -27.62
CAO H8E T . 1.01 -38.19 -27.73
CAJ H8E T . 1.42 -37.54 -26.56
CAP H8E T . 1.09 -38.04 -25.29
CAV H8E T . 0.40 -39.26 -25.17
N1 EPE U . 21.58 -16.48 6.86
N1 EPE U . 21.11 -15.02 0.73
C2 EPE U . 21.88 -17.32 8.05
C2 EPE U . 20.81 -13.77 0.09
C3 EPE U . 22.23 -18.73 7.68
C3 EPE U . 20.99 -13.90 -1.37
N4 EPE U . 21.17 -19.30 6.88
N4 EPE U . 22.38 -14.24 -1.70
C5 EPE U . 21.17 -18.58 5.62
C5 EPE U . 22.83 -15.44 -0.95
C6 EPE U . 20.74 -17.16 5.84
C6 EPE U . 22.53 -15.33 0.54
C7 EPE U . 21.19 -20.75 6.75
C7 EPE U . 22.46 -14.42 -3.14
C8 EPE U . 20.17 -21.38 7.68
C8 EPE U . 23.74 -14.91 -3.76
O8 EPE U . 19.55 -22.53 7.15
O8 EPE U . 23.60 -14.63 -5.13
C9 EPE U . 20.90 -15.25 7.27
C9 EPE U . 20.52 -15.14 2.08
C10 EPE U . 21.75 -14.00 7.05
C10 EPE U . 21.25 -15.46 3.37
S EPE U . 23.31 -14.12 7.77
S EPE U . 21.32 -14.02 4.27
O1S EPE U . 23.10 -14.68 9.09
O1S EPE U . 19.95 -13.59 4.56
O2S EPE U . 23.88 -12.79 7.84
O2S EPE U . 22.00 -13.17 3.30
O3S EPE U . 24.08 -14.99 6.91
O3S EPE U . 22.10 -14.30 5.46
S1 DTV V . -8.61 -22.80 -29.05
C1 DTV V . -9.94 -23.33 -27.92
C2 DTV V . -10.32 -22.24 -26.91
O2 DTV V . -9.87 -20.92 -27.30
C3 DTV V . -11.83 -22.21 -26.66
O3 DTV V . -12.25 -23.53 -26.47
C4 DTV V . -12.60 -21.74 -27.89
S4 DTV V . -12.72 -19.96 -28.22
C1 GOL W . 0.63 -23.13 8.89
O1 GOL W . 0.48 -24.16 9.88
C2 GOL W . 1.68 -23.53 7.89
O2 GOL W . 1.22 -24.63 7.10
C3 GOL W . 1.95 -22.36 6.97
O3 GOL W . 0.77 -21.92 6.34
C1 GOL X . -16.32 -41.67 -3.30
O1 GOL X . -17.22 -40.78 -2.63
C2 GOL X . -17.01 -42.73 -4.13
O2 GOL X . -17.89 -43.55 -3.31
C3 GOL X . -17.77 -42.23 -5.32
O3 GOL X . -16.82 -41.62 -6.26
C1 GOL Y . -8.58 -16.03 -24.95
O1 GOL Y . -9.51 -15.20 -25.62
C2 GOL Y . -7.95 -16.99 -25.92
O2 GOL Y . -7.72 -16.34 -27.18
C3 GOL Y . -6.64 -17.51 -25.39
O3 GOL Y . -6.00 -18.24 -26.41
#